data_3BHH
#
_entry.id   3BHH
#
_cell.length_a   173.400
_cell.length_b   79.200
_cell.length_c   98.700
_cell.angle_alpha   90.000
_cell.angle_beta   104.500
_cell.angle_gamma   90.000
#
_symmetry.space_group_name_H-M   'C 1 2 1'
#
loop_
_entity.id
_entity.type
_entity.pdbx_description
1 polymer 'Calcium/calmodulin-dependent protein kinase type II beta chain'
2 non-polymer [4-({4-[(5-cyclopropyl-1H-pyrazol-3-yl)amino]-6-(methylamino)pyrimidin-2-yl}amino)phenyl]acetonitrile
3 water water
#
_entity_poly.entity_id   1
_entity_poly.type   'polypeptide(L)'
_entity_poly.pdbx_seq_one_letter_code
;SMTDEYQLYEDIGKGAFSVVRRCVKLCTGHEYAAKIINTKKLSARDHQKLEREARICRLLKHSNIVRLHDSISEEGFHYL
VFDLVTGGELFEDIVAREYYSEADASHCIQQILEAVLHCHQMGVVHRDLKPENLLLASKCKGAAVKLADFGLAIEVQGDQ
QAWFGFAGTPGYLSPEVLRKEAYGKPVDIWACGVILYILLVGYPPFWDEDQHKLYQQIKAGAYDFPSPEWDTVTPEAKNL
INQMLTINPAKRITAHEALKHPWVCQRSTVASMMHRQETVECLKKFNARRKLKGA
;
_entity_poly.pdbx_strand_id   A,B,C,D
#
loop_
_chem_comp.id
_chem_comp.type
_chem_comp.name
_chem_comp.formula
5CP non-polymer [4-({4-[(5-cyclopropyl-1H-pyrazol-3-yl)amino]-6-(methylamino)pyrimidin-2-yl}amino)phenyl]acetonitrile 'C19 H20 N8'
#
# COMPACT_ATOMS: atom_id res chain seq x y z
N SER A 1 23.28 27.83 36.80
CA SER A 1 21.85 28.23 36.52
C SER A 1 20.90 27.15 37.01
N MET A 2 20.75 26.10 36.19
CA MET A 2 20.05 24.85 36.59
C MET A 2 20.56 24.27 37.90
N THR A 3 21.87 24.43 38.20
CA THR A 3 22.45 24.02 39.49
C THR A 3 22.20 25.03 40.61
N ASP A 4 21.54 26.14 40.27
CA ASP A 4 21.18 27.18 41.24
C ASP A 4 19.67 27.44 41.30
N GLU A 5 18.94 26.98 40.28
CA GLU A 5 17.49 27.12 40.21
C GLU A 5 16.70 25.86 40.57
N TYR A 6 17.34 24.68 40.41
CA TYR A 6 16.77 23.35 40.77
C TYR A 6 17.59 22.63 41.86
N GLN A 7 16.94 21.65 42.52
CA GLN A 7 17.62 20.65 43.31
C GLN A 7 17.30 19.27 42.72
N LEU A 8 18.35 18.48 42.50
CA LEU A 8 18.22 17.14 41.96
C LEU A 8 18.12 16.09 43.07
N TYR A 9 17.26 15.09 42.83
CA TYR A 9 17.05 14.00 43.76
C TYR A 9 17.25 12.68 42.96
N GLU A 10 16.48 11.63 43.21
CA GLU A 10 16.76 10.30 42.68
C GLU A 10 16.44 10.08 41.19
N ASP A 11 17.17 9.12 40.61
CA ASP A 11 16.97 8.70 39.23
C ASP A 11 15.62 8.04 39.06
N ILE A 12 14.89 8.48 38.04
CA ILE A 12 13.46 8.12 37.73
C ILE A 12 13.34 7.03 36.62
N GLY A 13 12.16 6.44 36.45
CA GLY A 13 11.97 5.33 35.50
C GLY A 13 12.92 4.13 35.67
N SER A 18 20.32 8.56 28.80
CA SER A 18 20.81 9.50 29.85
C SER A 18 20.15 9.17 31.20
N VAL A 19 20.73 9.70 32.29
CA VAL A 19 20.10 9.62 33.60
C VAL A 19 18.84 10.47 33.51
N VAL A 20 17.82 10.12 34.28
CA VAL A 20 16.64 10.99 34.44
C VAL A 20 16.39 11.09 35.91
N ARG A 21 16.54 12.29 36.45
CA ARG A 21 16.45 12.50 37.87
C ARG A 21 15.22 13.38 38.21
N ARG A 22 14.52 13.03 39.29
CA ARG A 22 13.48 13.90 39.79
C ARG A 22 14.19 15.13 40.40
N CYS A 23 13.63 16.30 40.14
CA CYS A 23 14.16 17.53 40.65
C CYS A 23 13.04 18.44 41.19
N VAL A 24 13.40 19.47 41.93
CA VAL A 24 12.42 20.48 42.38
C VAL A 24 12.92 21.84 41.94
N LYS A 25 12.05 22.65 41.32
CA LYS A 25 12.38 24.05 41.02
C LYS A 25 12.25 24.87 42.30
N LEU A 26 13.38 25.33 42.80
CA LEU A 26 13.44 26.02 44.09
C LEU A 26 12.48 27.19 44.23
N CYS A 27 12.48 28.13 43.30
CA CYS A 27 11.64 29.31 43.49
C CYS A 27 10.12 29.03 43.55
N THR A 28 9.66 28.00 42.85
CA THR A 28 8.24 27.68 42.83
C THR A 28 7.85 26.50 43.72
N GLY A 29 8.80 25.59 44.00
CA GLY A 29 8.54 24.40 44.79
C GLY A 29 8.01 23.19 44.04
N HIS A 30 7.77 23.31 42.74
CA HIS A 30 7.15 22.25 41.97
C HIS A 30 8.17 21.25 41.47
N GLU A 31 7.72 20.01 41.28
CA GLU A 31 8.59 18.85 40.91
C GLU A 31 8.68 18.68 39.42
N TYR A 32 9.82 18.18 38.96
CA TYR A 32 10.05 17.93 37.52
C TYR A 32 10.88 16.69 37.32
N ALA A 33 11.04 16.32 36.07
CA ALA A 33 11.83 15.20 35.67
C ALA A 33 12.91 15.70 34.70
N ALA A 34 14.18 15.66 35.09
CA ALA A 34 15.27 16.21 34.26
C ALA A 34 16.07 15.08 33.59
N LYS A 35 16.11 15.08 32.26
CA LYS A 35 16.99 14.19 31.48
C LYS A 35 18.33 14.85 31.37
N ILE A 36 19.36 14.21 31.91
CA ILE A 36 20.68 14.80 32.03
C ILE A 36 21.57 14.20 30.97
N ILE A 37 22.01 15.01 30.01
CA ILE A 37 22.80 14.52 28.90
C ILE A 37 24.20 15.08 29.02
N ASN A 38 25.16 14.17 29.18
CA ASN A 38 26.58 14.50 29.13
C ASN A 38 26.96 14.81 27.68
N THR A 39 27.48 16.02 27.46
CA THR A 39 27.76 16.53 26.10
C THR A 39 29.28 16.84 25.85
N LYS A 40 30.14 16.48 26.80
CA LYS A 40 31.56 16.74 26.66
C LYS A 40 32.12 16.07 25.39
N LYS A 41 31.97 14.76 25.22
CA LYS A 41 32.64 14.05 24.10
C LYS A 41 31.70 13.72 22.95
N LEU A 42 30.63 14.49 22.80
CA LEU A 42 29.60 14.18 21.80
C LEU A 42 30.03 14.44 20.34
N SER A 43 29.95 13.41 19.50
CA SER A 43 30.18 13.54 18.05
C SER A 43 29.16 14.49 17.44
N ALA A 44 29.46 14.99 16.25
CA ALA A 44 28.64 16.01 15.58
C ALA A 44 27.26 15.47 15.33
N ARG A 45 27.23 14.23 14.89
CA ARG A 45 26.03 13.49 14.67
C ARG A 45 25.14 13.51 15.91
N ASP A 46 25.72 13.30 17.09
CA ASP A 46 24.92 13.19 18.34
C ASP A 46 24.46 14.52 18.90
N HIS A 47 25.24 15.57 18.66
CA HIS A 47 24.76 16.94 18.94
C HIS A 47 23.49 17.25 18.14
N GLN A 48 23.45 16.85 16.86
CA GLN A 48 22.25 17.05 16.00
C GLN A 48 21.05 16.27 16.51
N LYS A 49 21.31 15.06 17.05
CA LYS A 49 20.30 14.18 17.61
C LYS A 49 19.64 14.78 18.83
N LEU A 50 20.46 15.49 19.61
CA LEU A 50 20.03 16.06 20.89
C LEU A 50 19.32 17.41 20.70
N GLU A 51 19.85 18.23 19.82
CA GLU A 51 19.15 19.40 19.28
C GLU A 51 17.78 19.00 18.74
N ARG A 52 17.74 17.90 18.00
CA ARG A 52 16.51 17.36 17.43
C ARG A 52 15.51 16.89 18.48
N GLU A 53 15.96 16.18 19.50
CA GLU A 53 15.05 15.73 20.53
C GLU A 53 14.44 16.89 21.29
N ALA A 54 15.25 17.91 21.57
CA ALA A 54 14.83 19.13 22.24
C ALA A 54 13.79 19.88 21.45
N ARG A 55 14.00 19.92 20.14
CA ARG A 55 13.15 20.57 19.18
C ARG A 55 11.86 19.83 19.06
N ILE A 56 11.92 18.51 18.99
CA ILE A 56 10.74 17.62 18.97
C ILE A 56 9.93 17.80 20.24
N CYS A 57 10.56 17.61 21.39
CA CYS A 57 9.88 17.84 22.68
C CYS A 57 9.26 19.23 22.88
N ARG A 58 9.80 20.30 22.29
CA ARG A 58 9.15 21.65 22.37
C ARG A 58 7.88 21.69 21.50
N LEU A 59 8.00 21.21 20.29
CA LEU A 59 6.89 21.10 19.30
C LEU A 59 5.62 20.33 19.72
N LEU A 60 5.79 19.31 20.53
CA LEU A 60 4.71 18.41 20.87
C LEU A 60 4.03 18.80 22.18
N LYS A 61 2.90 19.54 22.09
CA LYS A 61 2.07 19.86 23.27
C LYS A 61 0.69 19.17 23.14
N HIS A 62 0.43 18.19 24.02
CA HIS A 62 -0.74 17.29 23.90
C HIS A 62 -1.09 16.66 25.24
N SER A 63 -2.38 16.44 25.46
CA SER A 63 -2.89 15.91 26.73
C SER A 63 -2.27 14.57 27.16
N ASN A 64 -1.69 13.86 26.21
CA ASN A 64 -1.27 12.49 26.36
C ASN A 64 0.19 12.34 25.93
N ILE A 65 0.95 13.43 26.01
CA ILE A 65 2.41 13.38 25.85
C ILE A 65 3.01 14.20 26.98
N VAL A 66 4.06 13.65 27.62
CA VAL A 66 4.74 14.32 28.75
C VAL A 66 5.34 15.60 28.21
N ARG A 67 5.06 16.71 28.89
CA ARG A 67 5.38 18.09 28.42
C ARG A 67 6.74 18.55 28.89
N LEU A 68 7.51 19.13 27.96
CA LEU A 68 8.79 19.77 28.24
C LEU A 68 8.54 21.11 28.96
N HIS A 69 9.24 21.30 30.05
CA HIS A 69 9.14 22.51 30.80
C HIS A 69 10.21 23.51 30.35
N ASP A 70 11.45 23.03 30.28
CA ASP A 70 12.57 23.82 29.78
C ASP A 70 13.65 22.95 29.13
N SER A 71 14.61 23.61 28.50
CA SER A 71 15.74 22.99 27.89
C SER A 71 16.94 23.88 28.24
N ILE A 72 17.85 23.36 29.03
CA ILE A 72 18.94 24.12 29.62
C ILE A 72 20.29 23.56 29.21
N SER A 73 21.02 24.31 28.39
CA SER A 73 22.43 23.98 28.06
C SER A 73 23.41 24.61 29.09
N GLU A 74 24.34 23.77 29.58
CA GLU A 74 25.44 24.19 30.46
C GLU A 74 26.77 23.55 29.99
N GLU A 75 27.87 23.84 30.68
CA GLU A 75 29.19 23.32 30.28
C GLU A 75 29.26 21.85 30.65
N GLY A 76 29.33 21.00 29.63
CA GLY A 76 29.41 19.55 29.83
C GLY A 76 28.07 18.84 29.77
N PHE A 77 27.01 19.53 30.17
CA PHE A 77 25.66 18.89 30.31
C PHE A 77 24.53 19.69 29.68
N HIS A 78 23.55 18.95 29.17
CA HIS A 78 22.31 19.54 28.70
C HIS A 78 21.21 18.97 29.56
N TYR A 79 20.18 19.77 29.85
CA TYR A 79 19.09 19.28 30.65
C TYR A 79 17.81 19.51 29.92
N LEU A 80 17.06 18.45 29.65
CA LEU A 80 15.68 18.58 29.21
C LEU A 80 14.78 18.39 30.43
N VAL A 81 14.15 19.47 30.89
CA VAL A 81 13.31 19.42 32.09
C VAL A 81 11.84 19.19 31.69
N PHE A 82 11.26 18.07 32.13
CA PHE A 82 9.86 17.73 31.82
C PHE A 82 9.01 17.80 33.05
N ASP A 83 7.73 18.03 32.85
CA ASP A 83 6.73 17.85 33.92
C ASP A 83 6.81 16.46 34.54
N LEU A 84 6.75 16.37 35.88
CA LEU A 84 6.69 15.10 36.57
C LEU A 84 5.26 14.59 36.52
N VAL A 85 5.14 13.31 36.15
CA VAL A 85 3.91 12.57 36.10
C VAL A 85 4.20 11.46 37.10
N THR A 86 3.21 11.12 37.91
CA THR A 86 3.50 10.47 39.19
C THR A 86 2.75 9.17 39.38
N GLY A 87 1.97 8.76 38.36
CA GLY A 87 1.16 7.56 38.41
C GLY A 87 1.90 6.27 38.03
N GLY A 88 3.13 6.37 37.57
CA GLY A 88 3.92 5.19 37.21
C GLY A 88 3.61 4.59 35.84
N GLU A 89 4.19 3.43 35.57
CA GLU A 89 3.89 2.75 34.31
C GLU A 89 2.48 2.21 34.31
N LEU A 90 1.84 2.30 33.13
CA LEU A 90 0.46 1.80 32.87
C LEU A 90 0.28 0.33 33.24
N PHE A 91 1.24 -0.50 32.85
CA PHE A 91 1.16 -1.95 33.03
C PHE A 91 1.25 -2.37 34.49
N GLU A 92 1.96 -1.57 35.29
CA GLU A 92 2.07 -1.80 36.75
C GLU A 92 0.80 -1.36 37.54
N ASP A 93 0.05 -0.41 36.98
CA ASP A 93 -1.23 0.03 37.49
C ASP A 93 -2.38 -0.94 37.19
N ILE A 94 -2.36 -1.50 35.98
CA ILE A 94 -3.35 -2.48 35.52
C ILE A 94 -3.38 -3.74 36.37
N VAL A 95 -2.20 -4.22 36.78
CA VAL A 95 -2.13 -5.41 37.65
C VAL A 95 -2.67 -5.13 39.06
N ALA A 96 -2.80 -3.86 39.44
CA ALA A 96 -3.25 -3.46 40.78
C ALA A 96 -4.78 -3.19 40.87
N ARG A 97 -5.49 -3.32 39.75
CA ARG A 97 -6.94 -2.98 39.63
C ARG A 97 -7.89 -4.14 39.92
N GLU A 98 -9.05 -3.83 40.48
CA GLU A 98 -10.06 -4.84 40.81
C GLU A 98 -10.85 -5.24 39.55
N TYR A 99 -11.07 -4.28 38.65
CA TYR A 99 -11.76 -4.55 37.38
C TYR A 99 -10.84 -4.21 36.23
N TYR A 100 -10.76 -5.12 35.25
CA TYR A 100 -10.03 -4.89 34.01
C TYR A 100 -10.69 -5.62 32.83
N SER A 101 -11.23 -4.82 31.90
CA SER A 101 -11.91 -5.32 30.71
C SER A 101 -11.31 -4.76 29.42
N GLU A 102 -11.75 -5.29 28.29
CA GLU A 102 -11.46 -4.73 26.95
C GLU A 102 -11.80 -3.25 26.84
N ALA A 103 -12.92 -2.85 27.45
CA ALA A 103 -13.32 -1.44 27.57
C ALA A 103 -12.18 -0.58 28.18
N ASP A 104 -11.51 -1.14 29.18
CA ASP A 104 -10.39 -0.43 29.82
C ASP A 104 -9.16 -0.38 28.90
N ALA A 105 -8.86 -1.50 28.23
CA ALA A 105 -7.76 -1.61 27.28
C ALA A 105 -8.05 -0.72 26.06
N SER A 106 -9.31 -0.63 25.63
CA SER A 106 -9.71 0.29 24.55
C SER A 106 -9.47 1.76 24.89
N HIS A 107 -9.82 2.15 26.09
CA HIS A 107 -9.50 3.44 26.64
C HIS A 107 -8.03 3.83 26.68
N CYS A 108 -7.18 2.93 27.11
CA CYS A 108 -5.75 3.12 27.05
C CYS A 108 -5.27 3.33 25.63
N ILE A 109 -5.60 2.41 24.72
CA ILE A 109 -5.08 2.45 23.35
C ILE A 109 -5.61 3.68 22.64
N GLN A 110 -6.82 4.09 22.97
CA GLN A 110 -7.35 5.34 22.44
C GLN A 110 -6.46 6.52 22.77
N GLN A 111 -6.05 6.63 24.04
CA GLN A 111 -5.16 7.71 24.46
C GLN A 111 -3.79 7.65 23.82
N ILE A 112 -3.24 6.44 23.70
CA ILE A 112 -1.97 6.18 23.04
C ILE A 112 -2.06 6.53 21.54
N LEU A 113 -3.13 6.11 20.89
CA LEU A 113 -3.33 6.45 19.48
C LEU A 113 -3.55 7.96 19.25
N GLU A 114 -4.00 8.70 20.25
CA GLU A 114 -4.14 10.16 20.12
C GLU A 114 -2.81 10.86 20.23
N ALA A 115 -1.98 10.35 21.13
CA ALA A 115 -0.57 10.76 21.24
C ALA A 115 0.19 10.51 19.93
N VAL A 116 0.03 9.32 19.35
CA VAL A 116 0.74 8.90 18.16
C VAL A 116 0.28 9.71 16.94
N LEU A 117 -1.01 9.96 16.85
CA LEU A 117 -1.59 10.77 15.79
C LEU A 117 -1.00 12.17 15.83
N HIS A 118 -0.97 12.75 17.02
CA HIS A 118 -0.37 14.08 17.15
C HIS A 118 1.12 14.10 16.77
N CYS A 119 1.96 13.17 17.27
CA CYS A 119 3.34 13.10 16.80
C CYS A 119 3.36 13.12 15.27
N HIS A 120 2.60 12.22 14.66
CA HIS A 120 2.61 11.99 13.24
C HIS A 120 2.12 13.19 12.39
N GLN A 121 1.18 13.95 12.92
CA GLN A 121 0.76 15.23 12.33
C GLN A 121 1.85 16.29 12.39
N MET A 122 2.70 16.23 13.44
CA MET A 122 3.82 17.18 13.63
C MET A 122 5.11 16.73 12.91
N GLY A 123 5.04 15.60 12.19
CA GLY A 123 6.16 15.04 11.47
C GLY A 123 7.13 14.24 12.31
N VAL A 124 6.67 13.68 13.43
CA VAL A 124 7.56 12.96 14.37
C VAL A 124 7.14 11.51 14.38
N VAL A 125 8.13 10.62 14.27
CA VAL A 125 7.98 9.20 14.49
C VAL A 125 8.76 8.83 15.76
N HIS A 126 8.08 8.33 16.77
CA HIS A 126 8.66 7.98 18.06
C HIS A 126 9.71 6.87 17.98
N ARG A 127 9.35 5.77 17.32
CA ARG A 127 10.21 4.58 17.08
C ARG A 127 10.57 3.74 18.29
N ASP A 128 10.06 4.03 19.46
CA ASP A 128 10.29 3.17 20.60
C ASP A 128 9.10 3.21 21.53
N LEU A 129 7.90 3.00 20.96
CA LEU A 129 6.70 2.72 21.75
C LEU A 129 6.85 1.36 22.40
N LYS A 130 6.83 1.35 23.72
CA LYS A 130 6.94 0.14 24.51
C LYS A 130 6.29 0.51 25.83
N PRO A 131 5.97 -0.47 26.69
CA PRO A 131 5.29 -0.26 27.99
C PRO A 131 5.94 0.74 28.96
N GLU A 132 7.27 0.74 29.03
CA GLU A 132 8.02 1.59 29.96
C GLU A 132 7.88 3.09 29.65
N ASN A 133 7.43 3.39 28.42
CA ASN A 133 7.19 4.75 27.97
C ASN A 133 5.73 5.14 28.00
N LEU A 134 4.90 4.33 28.65
CA LEU A 134 3.48 4.62 28.79
C LEU A 134 3.24 4.84 30.28
N LEU A 135 3.08 6.10 30.66
CA LEU A 135 3.04 6.50 32.07
C LEU A 135 1.66 7.02 32.42
N LEU A 136 1.26 6.90 33.68
CA LEU A 136 0.01 7.50 34.13
C LEU A 136 0.30 8.87 34.83
N ALA A 137 -0.57 9.84 34.55
CA ALA A 137 -0.40 11.21 34.96
C ALA A 137 -0.29 11.29 36.47
N SER A 138 -1.11 10.50 37.16
CA SER A 138 -1.16 10.52 38.64
C SER A 138 -1.68 9.18 39.15
N LYS A 139 -1.71 9.03 40.47
CA LYS A 139 -2.26 7.81 41.12
C LYS A 139 -3.80 7.88 41.25
N CYS A 140 -4.42 8.99 40.82
CA CYS A 140 -5.86 9.12 40.82
C CYS A 140 -6.50 8.22 39.76
N LYS A 141 -7.70 7.70 40.07
CA LYS A 141 -8.43 6.83 39.14
C LYS A 141 -8.89 7.63 37.91
N GLY A 142 -8.64 7.08 36.72
CA GLY A 142 -8.95 7.74 35.45
C GLY A 142 -7.92 8.77 35.03
N ALA A 143 -6.72 8.71 35.63
CA ALA A 143 -5.54 9.50 35.22
C ALA A 143 -5.19 9.21 33.77
N ALA A 144 -4.83 10.23 33.01
CA ALA A 144 -4.46 10.07 31.58
C ALA A 144 -3.20 9.25 31.41
N VAL A 145 -3.17 8.43 30.36
CA VAL A 145 -1.96 7.79 29.86
C VAL A 145 -1.11 8.83 29.08
N LYS A 146 0.19 8.91 29.41
CA LYS A 146 1.08 9.86 28.79
C LYS A 146 2.29 9.14 28.19
N LEU A 147 2.59 9.54 26.96
CA LEU A 147 3.71 9.03 26.22
C LEU A 147 5.00 9.81 26.61
N ALA A 148 6.04 9.04 26.91
CA ALA A 148 7.33 9.54 27.34
C ALA A 148 8.44 9.12 26.37
N ASP A 149 9.60 9.71 26.61
CA ASP A 149 10.90 9.36 25.98
C ASP A 149 10.98 9.43 24.45
N PHE A 150 11.32 10.62 23.96
CA PHE A 150 11.51 10.87 22.54
C PHE A 150 13.00 10.88 22.20
N GLY A 151 13.75 10.09 22.97
CA GLY A 151 15.15 9.92 22.76
C GLY A 151 15.47 9.39 21.38
N LEU A 152 14.71 8.40 20.91
CA LEU A 152 14.92 7.76 19.61
C LEU A 152 14.03 8.36 18.52
N ALA A 153 13.27 9.40 18.83
CA ALA A 153 12.31 9.98 17.85
C ALA A 153 13.00 10.64 16.67
N ILE A 154 12.39 10.58 15.50
CA ILE A 154 12.97 11.23 14.33
C ILE A 154 11.94 12.19 13.70
N GLU A 155 12.44 13.11 12.90
CA GLU A 155 11.58 14.00 12.11
C GLU A 155 11.53 13.48 10.70
N VAL A 156 10.31 13.38 10.20
CA VAL A 156 10.07 12.96 8.82
C VAL A 156 9.40 14.12 8.07
N GLN A 157 9.60 14.13 6.74
CA GLN A 157 8.91 15.14 5.88
C GLN A 157 7.64 14.51 5.30
N GLY A 158 6.49 14.97 5.78
CA GLY A 158 5.21 14.38 5.37
C GLY A 158 5.22 12.87 5.50
N ASP A 159 4.78 12.16 4.47
CA ASP A 159 4.84 10.68 4.49
C ASP A 159 6.12 10.10 3.82
N GLN A 160 7.19 10.91 3.72
CA GLN A 160 8.47 10.46 3.19
C GLN A 160 9.09 9.41 4.09
N GLN A 161 9.28 8.20 3.55
CA GLN A 161 9.86 7.09 4.28
C GLN A 161 11.27 6.85 3.77
N ALA A 162 12.13 6.33 4.65
CA ALA A 162 13.55 6.19 4.40
C ALA A 162 14.10 5.15 5.38
N TRP A 163 15.33 4.71 5.15
CA TRP A 163 16.00 3.85 6.10
C TRP A 163 16.67 4.76 7.10
N PHE A 164 16.13 4.84 8.31
CA PHE A 164 16.67 5.75 9.30
C PHE A 164 17.58 5.01 10.26
N GLY A 165 17.60 3.68 10.19
CA GLY A 165 18.44 2.88 11.06
C GLY A 165 17.66 2.04 12.04
N PHE A 166 18.37 1.10 12.68
CA PHE A 166 17.79 0.24 13.68
C PHE A 166 17.61 1.10 14.91
N ALA A 167 16.47 0.94 15.57
CA ALA A 167 16.21 1.65 16.81
C ALA A 167 14.99 0.97 17.33
N GLY A 168 14.92 0.77 18.65
CA GLY A 168 13.74 0.27 19.29
C GLY A 168 14.02 -1.03 19.99
N THR A 169 12.98 -1.52 20.68
CA THR A 169 13.09 -2.68 21.54
C THR A 169 12.57 -3.89 20.78
N PRO A 170 13.36 -4.98 20.77
CA PRO A 170 13.14 -6.15 19.94
C PRO A 170 11.70 -6.63 19.74
N GLY A 171 10.99 -6.92 20.83
CA GLY A 171 9.62 -7.43 20.71
C GLY A 171 8.62 -6.51 20.00
N TYR A 172 8.97 -5.22 19.90
CA TYR A 172 8.13 -4.18 19.32
C TYR A 172 8.60 -3.68 17.97
N LEU A 173 9.64 -4.29 17.42
CA LEU A 173 10.18 -3.89 16.10
C LEU A 173 9.32 -4.36 14.96
N SER A 174 9.21 -3.57 13.91
CA SER A 174 8.33 -3.84 12.77
C SER A 174 9.10 -4.63 11.75
N PRO A 175 8.36 -5.38 10.90
CA PRO A 175 8.98 -6.13 9.83
C PRO A 175 9.91 -5.32 8.91
N GLU A 176 9.48 -4.10 8.54
CA GLU A 176 10.19 -3.28 7.57
C GLU A 176 11.51 -2.76 8.13
N VAL A 177 11.56 -2.53 9.43
CA VAL A 177 12.79 -2.20 10.09
C VAL A 177 13.71 -3.42 10.11
N LEU A 178 13.19 -4.59 10.44
CA LEU A 178 13.97 -5.83 10.46
C LEU A 178 14.48 -6.27 9.09
N ARG A 179 13.77 -5.91 8.02
CA ARG A 179 14.21 -6.20 6.64
C ARG A 179 15.13 -5.13 6.12
N LYS A 180 15.51 -4.18 6.97
CA LYS A 180 16.33 -3.01 6.62
C LYS A 180 15.78 -2.21 5.43
N GLU A 181 14.45 -2.07 5.38
CA GLU A 181 13.74 -1.32 4.35
C GLU A 181 13.36 0.09 4.80
N ALA A 182 13.04 0.93 3.84
CA ALA A 182 12.55 2.26 4.08
C ALA A 182 11.31 2.20 4.97
N TYR A 183 11.29 2.98 6.05
CA TYR A 183 10.12 3.05 6.93
C TYR A 183 9.79 4.46 7.39
N GLY A 184 8.68 4.57 8.11
CA GLY A 184 8.33 5.81 8.76
C GLY A 184 7.21 5.57 9.76
N LYS A 185 6.14 6.36 9.63
CA LYS A 185 5.08 6.47 10.64
C LYS A 185 4.45 5.13 11.02
N PRO A 186 4.21 4.27 10.02
CA PRO A 186 3.62 2.97 10.31
C PRO A 186 4.36 2.08 11.35
N VAL A 187 5.62 2.34 11.66
CA VAL A 187 6.33 1.53 12.63
C VAL A 187 5.74 1.76 14.00
N ASP A 188 5.15 2.95 14.20
CA ASP A 188 4.57 3.28 15.51
C ASP A 188 3.27 2.54 15.74
N ILE A 189 2.50 2.36 14.68
CA ILE A 189 1.25 1.63 14.69
C ILE A 189 1.50 0.13 14.84
N TRP A 190 2.54 -0.43 14.23
CA TRP A 190 2.94 -1.79 14.55
C TRP A 190 3.16 -1.99 16.08
N ALA A 191 3.99 -1.15 16.69
CA ALA A 191 4.26 -1.17 18.11
C ALA A 191 2.99 -1.06 18.94
N CYS A 192 2.08 -0.21 18.47
CA CYS A 192 0.75 -0.05 19.08
C CYS A 192 -0.11 -1.30 18.99
N GLY A 193 0.10 -2.08 17.94
CA GLY A 193 -0.59 -3.39 17.79
C GLY A 193 -0.11 -4.38 18.83
N VAL A 194 1.20 -4.36 19.09
CA VAL A 194 1.88 -5.30 19.96
C VAL A 194 1.44 -5.01 21.37
N ILE A 195 1.44 -3.72 21.74
CA ILE A 195 0.95 -3.23 23.02
C ILE A 195 -0.51 -3.61 23.23
N LEU A 196 -1.36 -3.35 22.22
CA LEU A 196 -2.78 -3.74 22.29
C LEU A 196 -3.03 -5.22 22.56
N TYR A 197 -2.27 -6.10 21.91
CA TYR A 197 -2.31 -7.55 22.12
C TYR A 197 -1.99 -7.91 23.55
N ILE A 198 -0.94 -7.30 24.11
CA ILE A 198 -0.54 -7.51 25.52
C ILE A 198 -1.58 -6.94 26.47
N LEU A 199 -2.15 -5.82 26.08
CA LEU A 199 -3.22 -5.21 26.85
C LEU A 199 -4.46 -6.10 27.01
N LEU A 200 -4.68 -6.98 26.02
CA LEU A 200 -5.85 -7.86 25.99
C LEU A 200 -5.62 -9.21 26.67
N VAL A 201 -4.43 -9.80 26.56
CA VAL A 201 -4.16 -11.11 27.14
C VAL A 201 -2.98 -11.19 28.12
N GLY A 202 -2.16 -10.14 28.17
CA GLY A 202 -1.07 -10.06 29.17
C GLY A 202 0.22 -10.78 28.79
N TYR A 203 0.33 -11.24 27.54
CA TYR A 203 1.58 -11.77 27.01
C TYR A 203 1.77 -11.24 25.59
N PRO A 204 3.02 -11.22 25.08
CA PRO A 204 3.34 -10.72 23.74
C PRO A 204 2.98 -11.61 22.51
N PRO A 205 2.63 -11.00 21.37
CA PRO A 205 2.36 -11.79 20.19
C PRO A 205 3.59 -12.53 19.68
N PHE A 206 4.77 -11.93 19.90
CA PHE A 206 6.06 -12.47 19.42
C PHE A 206 7.03 -12.64 20.59
N TRP A 207 7.46 -13.87 20.80
CA TRP A 207 8.44 -14.20 21.84
C TRP A 207 9.30 -15.39 21.45
N ASP A 208 10.60 -15.26 21.67
CA ASP A 208 11.53 -16.39 21.59
C ASP A 208 12.76 -16.02 22.44
N GLU A 209 13.27 -16.96 23.24
CA GLU A 209 14.53 -16.70 24.00
C GLU A 209 15.67 -16.29 23.06
N ASP A 210 15.74 -16.94 21.89
CA ASP A 210 16.62 -16.57 20.79
C ASP A 210 15.93 -15.46 19.99
N GLN A 211 16.67 -14.42 19.72
CA GLN A 211 16.09 -13.27 19.13
C GLN A 211 16.10 -13.31 17.63
N HIS A 212 17.06 -14.01 17.06
CA HIS A 212 17.05 -14.23 15.62
C HIS A 212 15.75 -14.93 15.24
N LYS A 213 15.35 -15.92 16.06
CA LYS A 213 14.07 -16.62 15.89
C LYS A 213 12.89 -15.68 16.09
N LEU A 214 12.96 -14.80 17.08
CA LEU A 214 11.92 -13.77 17.29
C LEU A 214 11.76 -12.85 16.07
N TYR A 215 12.88 -12.38 15.52
CA TYR A 215 12.84 -11.51 14.36
C TYR A 215 12.26 -12.17 13.14
N GLN A 216 12.45 -13.49 13.02
CA GLN A 216 11.86 -14.25 11.91
C GLN A 216 10.34 -14.29 12.04
N GLN A 217 9.83 -14.52 13.25
CA GLN A 217 8.39 -14.46 13.54
C GLN A 217 7.75 -13.15 13.20
N ILE A 218 8.40 -12.06 13.59
CA ILE A 218 7.97 -10.69 13.28
C ILE A 218 7.96 -10.41 11.79
N LYS A 219 9.05 -10.73 11.09
CA LYS A 219 9.11 -10.61 9.62
C LYS A 219 8.02 -11.42 8.91
N ALA A 220 7.67 -12.57 9.48
CA ALA A 220 6.59 -13.39 9.01
C ALA A 220 5.22 -12.86 9.46
N GLY A 221 5.19 -12.10 10.55
CA GLY A 221 3.94 -11.63 11.15
C GLY A 221 3.14 -12.78 11.69
N ALA A 222 3.85 -13.74 12.31
CA ALA A 222 3.27 -14.98 12.77
C ALA A 222 2.93 -14.83 14.25
N TYR A 223 1.72 -14.32 14.45
CA TYR A 223 1.02 -14.39 15.73
C TYR A 223 -0.30 -15.14 15.53
N ASP A 224 -0.89 -15.58 16.63
CA ASP A 224 -2.26 -16.03 16.58
C ASP A 224 -2.99 -15.70 17.87
N PHE A 225 -4.26 -16.07 17.88
CA PHE A 225 -5.17 -15.81 18.99
C PHE A 225 -5.55 -17.15 19.60
N PRO A 226 -4.64 -17.75 20.40
CA PRO A 226 -4.92 -19.05 20.97
C PRO A 226 -6.18 -19.12 21.88
N SER A 227 -6.87 -20.24 21.82
CA SER A 227 -7.85 -20.61 22.84
C SER A 227 -7.09 -21.09 24.10
N PRO A 228 -7.71 -20.97 25.27
CA PRO A 228 -9.06 -20.48 25.60
C PRO A 228 -9.21 -18.95 25.69
N GLU A 229 -8.11 -18.25 25.99
CA GLU A 229 -8.16 -16.86 26.44
C GLU A 229 -8.66 -15.87 25.37
N TRP A 230 -8.47 -16.21 24.08
CA TRP A 230 -8.87 -15.32 22.99
C TRP A 230 -10.28 -15.59 22.56
N ASP A 231 -10.85 -16.70 23.05
CA ASP A 231 -12.22 -17.12 22.74
C ASP A 231 -13.26 -16.11 23.20
N THR A 232 -12.97 -15.44 24.31
CA THR A 232 -13.86 -14.44 24.92
C THR A 232 -13.61 -13.03 24.39
N VAL A 233 -12.45 -12.82 23.74
CA VAL A 233 -12.11 -11.50 23.19
C VAL A 233 -12.99 -11.21 21.97
N THR A 234 -13.57 -10.00 21.91
CA THR A 234 -14.49 -9.67 20.82
C THR A 234 -13.78 -9.71 19.47
N PRO A 235 -14.53 -10.08 18.41
CA PRO A 235 -13.94 -10.09 17.04
C PRO A 235 -13.46 -8.71 16.53
N GLU A 236 -14.10 -7.64 17.04
CA GLU A 236 -13.74 -6.26 16.71
C GLU A 236 -12.35 -5.84 17.27
N ALA A 237 -12.00 -6.35 18.45
CA ALA A 237 -10.66 -6.14 19.01
C ALA A 237 -9.61 -6.89 18.19
N LYS A 238 -9.90 -8.17 17.91
CA LYS A 238 -9.06 -9.02 17.03
C LYS A 238 -8.91 -8.39 15.65
N ASN A 239 -10.02 -7.87 15.09
CA ASN A 239 -9.96 -7.12 13.82
C ASN A 239 -8.95 -5.99 13.86
N LEU A 240 -9.01 -5.16 14.91
CA LEU A 240 -8.07 -4.01 15.04
C LEU A 240 -6.60 -4.40 15.16
N ILE A 241 -6.30 -5.43 15.97
CA ILE A 241 -4.94 -5.99 16.09
C ILE A 241 -4.41 -6.43 14.73
N ASN A 242 -5.27 -7.12 13.99
CA ASN A 242 -4.98 -7.54 12.62
C ASN A 242 -4.66 -6.36 11.67
N GLN A 243 -5.32 -5.24 11.84
CA GLN A 243 -5.07 -4.11 10.93
C GLN A 243 -3.76 -3.37 11.25
N MET A 244 -3.40 -3.34 12.52
CA MET A 244 -2.17 -2.77 13.01
C MET A 244 -0.99 -3.71 12.75
N LEU A 245 -1.18 -5.03 12.98
CA LEU A 245 -0.08 -6.02 12.80
C LEU A 245 0.02 -6.61 11.40
N THR A 246 -0.40 -5.83 10.41
CA THR A 246 -0.25 -6.12 9.00
C THR A 246 1.18 -5.84 8.55
N ILE A 247 1.79 -6.81 7.88
CA ILE A 247 3.18 -6.78 7.49
C ILE A 247 3.47 -5.73 6.43
N ASN A 248 2.59 -5.54 5.46
CA ASN A 248 2.76 -4.49 4.46
C ASN A 248 2.35 -3.14 5.04
N PRO A 249 3.34 -2.21 5.28
CA PRO A 249 3.11 -0.93 5.97
C PRO A 249 2.22 0.06 5.21
N ALA A 250 2.06 -0.18 3.91
CA ALA A 250 1.24 0.67 3.07
C ALA A 250 -0.20 0.29 3.28
N LYS A 251 -0.41 -0.97 3.65
CA LYS A 251 -1.76 -1.47 3.92
C LYS A 251 -2.14 -1.33 5.39
N ARG A 252 -1.15 -1.14 6.27
CA ARG A 252 -1.38 -0.97 7.72
C ARG A 252 -2.25 0.26 8.04
N ILE A 253 -3.07 0.11 9.09
CA ILE A 253 -4.00 1.13 9.53
C ILE A 253 -3.20 2.30 10.10
N THR A 254 -3.69 3.52 9.90
CA THR A 254 -3.07 4.71 10.40
C THR A 254 -3.71 5.02 11.74
N ALA A 255 -3.06 5.90 12.51
CA ALA A 255 -3.59 6.37 13.79
C ALA A 255 -4.96 7.05 13.63
N HIS A 256 -5.13 7.76 12.55
CA HIS A 256 -6.38 8.49 12.25
C HIS A 256 -7.54 7.53 12.00
N GLU A 257 -7.32 6.52 11.15
CA GLU A 257 -8.29 5.43 10.89
C GLU A 257 -8.54 4.55 12.13
N ALA A 258 -7.48 4.18 12.85
CA ALA A 258 -7.62 3.36 14.08
C ALA A 258 -8.50 4.02 15.14
N LEU A 259 -8.45 5.35 15.23
CA LEU A 259 -9.31 6.08 16.15
C LEU A 259 -10.78 6.15 15.72
N LYS A 260 -11.04 5.83 14.45
CA LYS A 260 -12.39 5.72 13.89
C LYS A 260 -12.88 4.28 13.94
N HIS A 261 -12.06 3.36 14.42
CA HIS A 261 -12.50 1.97 14.57
C HIS A 261 -13.56 1.91 15.69
N PRO A 262 -14.63 1.11 15.49
CA PRO A 262 -15.67 1.02 16.51
C PRO A 262 -15.25 0.51 17.88
N TRP A 263 -14.29 -0.39 17.94
CA TRP A 263 -13.84 -0.87 19.24
C TRP A 263 -13.20 0.26 20.09
N VAL A 264 -12.65 1.25 19.41
CA VAL A 264 -12.02 2.41 20.03
C VAL A 264 -13.04 3.53 20.24
N CYS A 265 -13.78 3.90 19.18
CA CYS A 265 -14.64 5.06 19.29
C CYS A 265 -16.07 4.79 19.71
N GLN A 266 -16.49 3.52 19.64
CA GLN A 266 -17.82 3.10 20.14
C GLN A 266 -17.65 1.99 21.18
N ARG A 267 -16.66 2.22 22.04
CA ARG A 267 -16.26 1.31 23.12
C ARG A 267 -17.46 0.85 24.03
N SER A 268 -18.32 1.79 24.39
CA SER A 268 -19.37 1.49 25.38
C SER A 268 -20.39 0.44 24.90
N THR A 269 -20.48 0.27 23.58
CA THR A 269 -21.37 -0.68 22.92
C THR A 269 -20.61 -1.84 22.20
N VAL A 270 -19.34 -1.65 21.86
CA VAL A 270 -18.58 -2.66 21.09
C VAL A 270 -17.59 -3.49 21.93
N ALA A 271 -16.97 -2.85 22.92
CA ALA A 271 -15.92 -3.51 23.69
C ALA A 271 -16.59 -4.22 24.85
N SER A 272 -16.04 -5.37 25.21
CA SER A 272 -16.58 -6.16 26.30
C SER A 272 -16.30 -5.46 27.62
N MET A 273 -17.30 -5.45 28.50
CA MET A 273 -17.19 -4.91 29.88
C MET A 273 -16.85 -6.04 30.87
N MET A 274 -16.33 -7.13 30.38
CA MET A 274 -16.15 -8.31 31.21
C MET A 274 -14.81 -8.30 31.80
N HIS A 275 -14.70 -8.52 33.09
CA HIS A 275 -13.42 -8.64 33.77
C HIS A 275 -12.57 -9.80 33.24
N ARG A 276 -11.26 -9.55 33.06
CA ARG A 276 -10.33 -10.49 32.48
C ARG A 276 -9.21 -10.79 33.45
N GLN A 277 -9.54 -11.49 34.53
CA GLN A 277 -8.62 -11.89 35.57
C GLN A 277 -7.34 -12.56 35.06
N GLU A 278 -7.45 -13.40 34.03
CA GLU A 278 -6.28 -14.11 33.47
C GLU A 278 -5.29 -13.17 32.83
N THR A 279 -5.76 -12.11 32.18
CA THR A 279 -4.87 -11.03 31.69
C THR A 279 -4.03 -10.38 32.81
N VAL A 280 -4.72 -9.96 33.87
CA VAL A 280 -4.09 -9.34 35.02
C VAL A 280 -2.97 -10.22 35.60
N GLU A 281 -3.21 -11.53 35.63
CA GLU A 281 -2.23 -12.51 36.15
C GLU A 281 -1.06 -12.76 35.19
N CYS A 282 -1.31 -12.67 33.90
CA CYS A 282 -0.23 -12.75 32.91
C CYS A 282 0.60 -11.48 32.87
N LEU A 283 -0.09 -10.33 32.93
CA LEU A 283 0.63 -9.06 33.07
C LEU A 283 1.57 -9.11 34.25
N LYS A 284 1.11 -9.58 35.39
CA LYS A 284 1.96 -9.71 36.58
C LYS A 284 3.27 -10.47 36.27
N LYS A 285 3.14 -11.55 35.54
CA LYS A 285 4.28 -12.37 35.12
C LYS A 285 5.13 -11.68 34.05
N PHE A 286 4.46 -10.93 33.16
CA PHE A 286 5.09 -10.13 32.12
C PHE A 286 5.94 -9.06 32.73
N ASN A 287 5.34 -8.29 33.64
CA ASN A 287 6.01 -7.20 34.36
C ASN A 287 7.23 -7.74 35.11
N ALA A 288 7.06 -8.89 35.76
CA ALA A 288 8.16 -9.54 36.51
C ALA A 288 9.30 -9.96 35.59
N ARG A 289 8.95 -10.53 34.43
CA ARG A 289 9.93 -10.96 33.42
C ARG A 289 10.77 -9.77 32.85
N ARG A 290 10.12 -8.62 32.63
CA ARG A 290 10.76 -7.43 32.03
C ARG A 290 11.67 -6.72 33.08
N LYS A 291 11.20 -6.58 34.33
CA LYS A 291 12.04 -5.99 35.41
C LYS A 291 13.15 -6.93 35.87
N LEU A 292 13.33 -8.02 35.14
CA LEU A 292 14.51 -8.87 35.28
C LEU A 292 15.37 -8.82 34.01
N LYS A 293 15.49 -7.63 33.39
CA LYS A 293 16.45 -7.36 32.28
C LYS A 293 16.35 -5.91 31.82
N MET B 2 -6.24 0.32 -20.63
CA MET B 2 -7.64 -0.17 -20.78
C MET B 2 -8.32 0.39 -22.03
N THR B 3 -8.10 1.63 -22.33
CA THR B 3 -8.56 2.18 -23.61
C THR B 3 -7.74 1.73 -24.81
N ASP B 4 -6.61 1.05 -24.57
CA ASP B 4 -5.74 0.54 -25.65
C ASP B 4 -5.59 -0.99 -25.65
N GLU B 5 -6.08 -1.64 -24.60
CA GLU B 5 -6.07 -3.08 -24.49
C GLU B 5 -7.42 -3.73 -24.70
N TYR B 6 -8.52 -3.01 -24.42
CA TYR B 6 -9.92 -3.47 -24.64
C TYR B 6 -10.73 -2.64 -25.67
N GLN B 7 -11.79 -3.21 -26.21
CA GLN B 7 -12.81 -2.44 -26.89
C GLN B 7 -14.19 -2.56 -26.21
N LEU B 8 -14.77 -1.42 -25.86
CA LEU B 8 -16.05 -1.37 -25.19
C LEU B 8 -17.15 -1.44 -26.23
N TYR B 9 -18.19 -2.19 -25.88
CA TYR B 9 -19.45 -2.27 -26.62
C TYR B 9 -20.60 -1.89 -25.65
N GLU B 10 -21.74 -2.58 -25.72
CA GLU B 10 -22.98 -2.13 -25.06
C GLU B 10 -23.08 -2.40 -23.56
N ASP B 11 -23.92 -1.59 -22.91
CA ASP B 11 -24.23 -1.72 -21.50
C ASP B 11 -25.03 -3.00 -21.26
N ILE B 12 -24.41 -3.94 -20.52
CA ILE B 12 -25.02 -5.14 -19.90
C ILE B 12 -25.75 -4.71 -18.60
N GLY B 13 -25.31 -3.55 -18.07
CA GLY B 13 -25.99 -2.78 -17.02
C GLY B 13 -25.74 -1.27 -17.30
N LYS B 14 -26.33 -0.38 -16.51
CA LYS B 14 -26.18 1.08 -16.71
C LYS B 14 -26.86 1.91 -15.62
N SER B 18 -22.76 1.89 -11.18
CA SER B 18 -21.90 2.24 -12.31
C SER B 18 -22.47 1.60 -13.60
N VAL B 19 -21.98 2.07 -14.76
CA VAL B 19 -22.31 1.45 -16.05
C VAL B 19 -21.57 0.14 -16.12
N VAL B 20 -22.15 -0.87 -16.77
CA VAL B 20 -21.44 -2.15 -16.98
C VAL B 20 -21.53 -2.46 -18.46
N ARG B 21 -20.40 -2.39 -19.13
CA ARG B 21 -20.33 -2.55 -20.57
C ARG B 21 -19.61 -3.84 -20.95
N ARG B 22 -20.16 -4.55 -21.94
CA ARG B 22 -19.49 -5.70 -22.50
C ARG B 22 -18.32 -5.18 -23.32
N CYS B 23 -17.16 -5.80 -23.15
CA CYS B 23 -15.96 -5.41 -23.85
C CYS B 23 -15.27 -6.65 -24.41
N VAL B 24 -14.25 -6.44 -25.25
CA VAL B 24 -13.38 -7.49 -25.74
C VAL B 24 -11.93 -7.09 -25.44
N LYS B 25 -11.13 -8.01 -24.89
CA LYS B 25 -9.70 -7.82 -24.79
C LYS B 25 -9.07 -8.05 -26.16
N LEU B 26 -8.52 -7.00 -26.73
CA LEU B 26 -8.01 -7.05 -28.10
C LEU B 26 -6.96 -8.13 -28.35
N CYS B 27 -5.95 -8.25 -27.47
CA CYS B 27 -4.88 -9.21 -27.73
C CYS B 27 -5.33 -10.68 -27.73
N THR B 28 -6.29 -11.04 -26.90
CA THR B 28 -6.74 -12.42 -26.82
C THR B 28 -8.06 -12.70 -27.55
N GLY B 29 -8.91 -11.70 -27.69
CA GLY B 29 -10.19 -11.84 -28.37
C GLY B 29 -11.36 -12.24 -27.48
N HIS B 30 -11.09 -12.42 -26.20
CA HIS B 30 -12.12 -12.89 -25.29
C HIS B 30 -12.94 -11.74 -24.75
N GLU B 31 -14.20 -12.06 -24.46
CA GLU B 31 -15.20 -11.10 -23.98
C GLU B 31 -15.24 -11.03 -22.45
N TYR B 32 -15.54 -9.82 -21.95
CA TYR B 32 -15.60 -9.52 -20.53
C TYR B 32 -16.72 -8.55 -20.27
N ALA B 33 -16.94 -8.33 -18.98
CA ALA B 33 -17.90 -7.33 -18.51
C ALA B 33 -17.15 -6.29 -17.64
N ALA B 34 -17.16 -5.05 -18.06
CA ALA B 34 -16.40 -4.00 -17.35
C ALA B 34 -17.33 -3.06 -16.58
N LYS B 35 -17.24 -3.08 -15.25
CA LYS B 35 -17.90 -2.09 -14.40
C LYS B 35 -17.06 -0.84 -14.49
N ILE B 36 -17.69 0.26 -14.88
CA ILE B 36 -16.98 1.53 -15.11
C ILE B 36 -17.38 2.57 -14.08
N ILE B 37 -16.44 2.82 -13.13
CA ILE B 37 -16.67 3.72 -12.02
C ILE B 37 -16.02 5.06 -12.30
N ASN B 38 -16.85 6.09 -12.35
CA ASN B 38 -16.36 7.46 -12.38
C ASN B 38 -15.87 7.86 -10.99
N THR B 39 -14.58 8.24 -10.90
CA THR B 39 -13.91 8.46 -9.61
C THR B 39 -13.43 9.91 -9.39
N LYS B 40 -13.77 10.81 -10.32
CA LYS B 40 -13.32 12.19 -10.24
C LYS B 40 -13.84 12.88 -8.97
N LYS B 41 -15.13 12.80 -8.65
CA LYS B 41 -15.68 13.57 -7.50
C LYS B 41 -15.98 12.68 -6.28
N LEU B 42 -15.28 11.57 -6.16
CA LEU B 42 -15.58 10.61 -5.09
C LEU B 42 -15.09 11.05 -3.68
N SER B 43 -16.03 11.06 -2.73
CA SER B 43 -15.71 11.27 -1.35
C SER B 43 -14.76 10.20 -0.84
N ALA B 44 -14.07 10.49 0.25
CA ALA B 44 -13.09 9.60 0.84
C ALA B 44 -13.74 8.27 1.22
N ARG B 45 -14.94 8.35 1.78
CA ARG B 45 -15.75 7.21 2.13
C ARG B 45 -16.00 6.31 0.92
N ASP B 46 -16.26 6.89 -0.25
CA ASP B 46 -16.58 6.11 -1.45
C ASP B 46 -15.38 5.52 -2.16
N HIS B 47 -14.22 6.15 -2.00
CA HIS B 47 -12.96 5.55 -2.40
C HIS B 47 -12.72 4.27 -1.62
N GLN B 48 -12.96 4.31 -0.30
CA GLN B 48 -12.81 3.10 0.57
C GLN B 48 -13.74 1.94 0.17
N LYS B 49 -14.97 2.28 -0.19
CA LYS B 49 -16.01 1.34 -0.62
C LYS B 49 -15.59 0.66 -1.90
N LEU B 50 -14.95 1.40 -2.79
CA LEU B 50 -14.55 0.90 -4.09
C LEU B 50 -13.25 0.06 -4.01
N GLU B 51 -12.26 0.52 -3.25
CA GLU B 51 -11.11 -0.31 -2.86
C GLU B 51 -11.56 -1.63 -2.23
N ARG B 52 -12.57 -1.56 -1.37
CA ARG B 52 -13.17 -2.73 -0.71
C ARG B 52 -13.84 -3.68 -1.68
N GLU B 53 -14.67 -3.18 -2.60
CA GLU B 53 -15.31 -4.02 -3.62
C GLU B 53 -14.28 -4.75 -4.47
N ALA B 54 -13.22 -4.05 -4.83
CA ALA B 54 -12.12 -4.65 -5.66
C ALA B 54 -11.37 -5.73 -4.87
N ARG B 55 -11.14 -5.44 -3.60
CA ARG B 55 -10.53 -6.40 -2.69
C ARG B 55 -11.39 -7.64 -2.44
N ILE B 56 -12.70 -7.41 -2.25
CA ILE B 56 -13.70 -8.51 -2.09
C ILE B 56 -13.79 -9.37 -3.34
N CYS B 57 -14.03 -8.76 -4.50
CA CYS B 57 -13.99 -9.49 -5.77
C CYS B 57 -12.68 -10.26 -6.06
N ARG B 58 -11.52 -9.77 -5.64
CA ARG B 58 -10.27 -10.55 -5.87
C ARG B 58 -10.17 -11.81 -5.01
N LEU B 59 -10.56 -11.65 -3.75
CA LEU B 59 -10.61 -12.73 -2.75
C LEU B 59 -11.55 -13.92 -3.09
N LEU B 60 -12.65 -13.63 -3.80
CA LEU B 60 -13.72 -14.59 -3.97
C LEU B 60 -13.58 -15.36 -5.28
N LYS B 61 -12.95 -16.53 -5.22
CA LYS B 61 -12.85 -17.43 -6.41
C LYS B 61 -13.68 -18.69 -6.17
N HIS B 62 -14.73 -18.89 -6.94
CA HIS B 62 -15.73 -19.92 -6.69
C HIS B 62 -16.59 -20.21 -7.93
N SER B 63 -16.91 -21.49 -8.12
CA SER B 63 -17.67 -21.96 -9.29
C SER B 63 -19.00 -21.20 -9.55
N ASN B 64 -19.51 -20.56 -8.51
CA ASN B 64 -20.84 -19.97 -8.54
C ASN B 64 -20.84 -18.48 -8.20
N ILE B 65 -19.69 -17.85 -8.40
CA ILE B 65 -19.55 -16.41 -8.27
C ILE B 65 -18.80 -15.98 -9.52
N VAL B 66 -19.26 -14.85 -10.08
CA VAL B 66 -18.65 -14.27 -11.27
C VAL B 66 -17.26 -13.81 -10.90
N ARG B 67 -16.30 -14.11 -11.77
CA ARG B 67 -14.88 -13.89 -11.49
C ARG B 67 -14.36 -12.56 -12.01
N LEU B 68 -13.61 -11.87 -11.14
CA LEU B 68 -12.88 -10.67 -11.48
C LEU B 68 -11.61 -11.02 -12.23
N HIS B 69 -11.48 -10.42 -13.42
CA HIS B 69 -10.37 -10.68 -14.36
C HIS B 69 -9.26 -9.70 -14.07
N ASP B 70 -9.61 -8.42 -14.02
CA ASP B 70 -8.64 -7.38 -13.67
C ASP B 70 -9.33 -6.23 -12.96
N SER B 71 -8.51 -5.36 -12.39
CA SER B 71 -8.95 -4.15 -11.72
C SER B 71 -8.00 -3.03 -12.17
N ILE B 72 -8.55 -2.07 -12.93
CA ILE B 72 -7.73 -1.11 -13.65
C ILE B 72 -8.03 0.31 -13.23
N SER B 73 -7.06 0.96 -12.57
CA SER B 73 -7.19 2.41 -12.22
C SER B 73 -6.58 3.39 -13.22
N GLU B 74 -7.43 4.31 -13.71
CA GLU B 74 -7.06 5.33 -14.68
C GLU B 74 -7.45 6.74 -14.17
N GLU B 75 -7.12 7.78 -14.91
CA GLU B 75 -7.44 9.15 -14.49
C GLU B 75 -8.94 9.35 -14.69
N GLY B 76 -9.65 9.57 -13.58
CA GLY B 76 -11.10 9.76 -13.62
C GLY B 76 -11.94 8.51 -13.43
N PHE B 77 -11.45 7.36 -13.86
CA PHE B 77 -12.22 6.09 -13.92
C PHE B 77 -11.42 4.90 -13.38
N HIS B 78 -12.17 3.95 -12.81
CA HIS B 78 -11.68 2.70 -12.35
C HIS B 78 -12.52 1.70 -13.09
N TYR B 79 -11.87 0.62 -13.51
CA TYR B 79 -12.53 -0.49 -14.22
C TYR B 79 -12.32 -1.80 -13.46
N LEU B 80 -13.44 -2.41 -13.05
CA LEU B 80 -13.44 -3.78 -12.57
C LEU B 80 -13.90 -4.64 -13.75
N VAL B 81 -12.98 -5.42 -14.30
CA VAL B 81 -13.23 -6.29 -15.45
C VAL B 81 -13.53 -7.71 -14.97
N PHE B 82 -14.74 -8.18 -15.25
CA PHE B 82 -15.18 -9.52 -14.89
C PHE B 82 -15.37 -10.37 -16.12
N ASP B 83 -15.18 -11.68 -15.94
CA ASP B 83 -15.58 -12.71 -16.94
C ASP B 83 -17.02 -12.46 -17.33
N LEU B 84 -17.29 -12.52 -18.64
CA LEU B 84 -18.65 -12.49 -19.18
C LEU B 84 -19.30 -13.89 -19.05
N VAL B 85 -20.53 -13.87 -18.56
CA VAL B 85 -21.36 -15.00 -18.41
C VAL B 85 -22.57 -14.62 -19.24
N THR B 86 -23.03 -15.59 -20.02
CA THR B 86 -23.75 -15.28 -21.22
C THR B 86 -25.15 -15.90 -21.25
N GLY B 87 -25.52 -16.49 -20.12
CA GLY B 87 -26.81 -17.13 -19.99
C GLY B 87 -27.95 -16.26 -19.49
N GLY B 88 -27.66 -15.05 -19.03
CA GLY B 88 -28.71 -14.12 -18.60
C GLY B 88 -29.18 -14.35 -17.19
N GLU B 89 -30.18 -13.60 -16.77
CA GLU B 89 -30.79 -13.84 -15.44
C GLU B 89 -31.50 -15.19 -15.33
N LEU B 90 -31.32 -15.82 -14.16
CA LEU B 90 -31.95 -17.11 -13.82
C LEU B 90 -33.44 -17.11 -14.03
N PHE B 91 -34.12 -16.08 -13.55
CA PHE B 91 -35.60 -15.99 -13.61
C PHE B 91 -36.15 -15.83 -15.03
N GLU B 92 -35.34 -15.27 -15.94
CA GLU B 92 -35.76 -15.09 -17.34
C GLU B 92 -35.58 -16.37 -18.15
N ASP B 93 -34.69 -17.25 -17.69
CA ASP B 93 -34.43 -18.57 -18.25
C ASP B 93 -35.48 -19.58 -17.83
N ILE B 94 -35.87 -19.52 -16.56
CA ILE B 94 -36.90 -20.39 -15.97
C ILE B 94 -38.25 -20.26 -16.70
N VAL B 95 -38.64 -19.04 -17.04
CA VAL B 95 -39.89 -18.83 -17.80
C VAL B 95 -39.85 -19.42 -19.21
N ALA B 96 -38.62 -19.65 -19.70
CA ALA B 96 -38.40 -20.17 -21.04
C ALA B 96 -38.36 -21.72 -21.17
N ARG B 97 -38.43 -22.44 -20.03
CA ARG B 97 -38.26 -23.90 -19.98
C ARG B 97 -39.57 -24.65 -20.10
N GLU B 98 -39.49 -25.85 -20.71
CA GLU B 98 -40.62 -26.75 -20.87
C GLU B 98 -40.95 -27.46 -19.55
N TYR B 99 -39.95 -27.80 -18.75
CA TYR B 99 -40.17 -28.46 -17.44
C TYR B 99 -39.62 -27.59 -16.33
N TYR B 100 -40.40 -27.42 -15.28
CA TYR B 100 -39.95 -26.73 -14.09
C TYR B 100 -40.62 -27.25 -12.83
N SER B 101 -39.81 -27.87 -11.98
CA SER B 101 -40.24 -28.50 -10.74
C SER B 101 -39.47 -28.01 -9.51
N GLU B 102 -39.95 -28.39 -8.32
CA GLU B 102 -39.20 -28.17 -7.08
C GLU B 102 -37.79 -28.69 -7.18
N ALA B 103 -37.61 -29.83 -7.84
CA ALA B 103 -36.28 -30.39 -8.07
C ALA B 103 -35.36 -29.34 -8.70
N ASP B 104 -35.90 -28.60 -9.66
CA ASP B 104 -35.13 -27.59 -10.40
C ASP B 104 -34.86 -26.41 -9.51
N ALA B 105 -35.89 -25.95 -8.75
CA ALA B 105 -35.73 -24.86 -7.76
C ALA B 105 -34.72 -25.23 -6.66
N SER B 106 -34.72 -26.52 -6.26
CA SER B 106 -33.77 -27.00 -5.24
C SER B 106 -32.33 -26.88 -5.71
N HIS B 107 -32.10 -27.24 -6.98
CA HIS B 107 -30.82 -27.18 -7.64
C HIS B 107 -30.27 -25.75 -7.74
N CYS B 108 -31.13 -24.80 -8.11
CA CYS B 108 -30.76 -23.41 -8.08
C CYS B 108 -30.37 -22.88 -6.71
N ILE B 109 -31.21 -23.13 -5.72
CA ILE B 109 -30.97 -22.61 -4.38
C ILE B 109 -29.80 -23.30 -3.75
N GLN B 110 -29.53 -24.55 -4.14
CA GLN B 110 -28.29 -25.21 -3.77
C GLN B 110 -27.06 -24.43 -4.26
N GLN B 111 -27.04 -24.06 -5.52
CA GLN B 111 -25.88 -23.35 -6.07
C GLN B 111 -25.72 -21.96 -5.47
N ILE B 112 -26.85 -21.30 -5.22
CA ILE B 112 -26.90 -20.02 -4.55
C ILE B 112 -26.38 -20.18 -3.12
N LEU B 113 -26.80 -21.19 -2.40
CA LEU B 113 -26.34 -21.39 -1.02
C LEU B 113 -24.85 -21.73 -0.95
N GLU B 114 -24.29 -22.34 -1.98
CA GLU B 114 -22.85 -22.65 -2.02
C GLU B 114 -21.98 -21.42 -2.19
N ALA B 115 -22.47 -20.52 -3.04
CA ALA B 115 -21.93 -19.22 -3.25
C ALA B 115 -21.98 -18.43 -1.95
N VAL B 116 -23.13 -18.40 -1.28
CA VAL B 116 -23.31 -17.63 -0.05
C VAL B 116 -22.41 -18.18 1.04
N LEU B 117 -22.36 -19.50 1.18
CA LEU B 117 -21.51 -20.15 2.16
C LEU B 117 -20.03 -19.76 1.97
N HIS B 118 -19.54 -19.80 0.73
CA HIS B 118 -18.19 -19.36 0.43
C HIS B 118 -17.91 -17.88 0.77
N CYS B 119 -18.76 -16.92 0.33
CA CYS B 119 -18.64 -15.56 0.83
C CYS B 119 -18.48 -15.53 2.33
N HIS B 120 -19.41 -16.19 3.04
CA HIS B 120 -19.50 -16.13 4.48
C HIS B 120 -18.27 -16.74 5.17
N GLN B 121 -17.73 -17.83 4.61
CA GLN B 121 -16.44 -18.36 5.08
C GLN B 121 -15.27 -17.39 4.92
N MET B 122 -15.31 -16.55 3.88
CA MET B 122 -14.26 -15.57 3.56
C MET B 122 -14.47 -14.28 4.32
N GLY B 123 -15.53 -14.20 5.10
CA GLY B 123 -15.86 -13.00 5.87
C GLY B 123 -16.56 -11.93 5.07
N VAL B 124 -17.33 -12.32 4.04
CA VAL B 124 -18.04 -11.35 3.18
C VAL B 124 -19.57 -11.50 3.31
N VAL B 125 -20.28 -10.40 3.49
CA VAL B 125 -21.76 -10.41 3.46
C VAL B 125 -22.19 -9.59 2.28
N HIS B 126 -22.83 -10.27 1.32
CA HIS B 126 -23.23 -9.69 0.05
C HIS B 126 -24.16 -8.51 0.29
N ARG B 127 -25.21 -8.71 1.09
CA ARG B 127 -26.26 -7.70 1.37
C ARG B 127 -27.18 -7.26 0.26
N ASP B 128 -27.08 -7.83 -0.92
CA ASP B 128 -28.07 -7.51 -1.98
C ASP B 128 -28.24 -8.70 -2.87
N LEU B 129 -28.62 -9.83 -2.27
CA LEU B 129 -29.09 -11.00 -3.03
C LEU B 129 -30.46 -10.69 -3.53
N LYS B 130 -30.58 -10.65 -4.85
CA LYS B 130 -31.86 -10.42 -5.51
C LYS B 130 -31.74 -11.12 -6.87
N PRO B 131 -32.87 -11.31 -7.59
CA PRO B 131 -32.88 -12.04 -8.86
C PRO B 131 -31.96 -11.53 -9.93
N GLU B 132 -31.77 -10.22 -9.98
CA GLU B 132 -30.96 -9.58 -11.02
C GLU B 132 -29.48 -9.90 -10.86
N ASN B 133 -29.09 -10.36 -9.67
CA ASN B 133 -27.72 -10.78 -9.36
C ASN B 133 -27.47 -12.26 -9.45
N LEU B 134 -28.47 -13.01 -9.92
CA LEU B 134 -28.36 -14.45 -10.14
C LEU B 134 -28.35 -14.68 -11.64
N LEU B 135 -27.18 -15.02 -12.15
CA LEU B 135 -26.95 -15.14 -13.60
C LEU B 135 -26.61 -16.56 -14.00
N LEU B 136 -26.89 -16.93 -15.23
CA LEU B 136 -26.52 -18.26 -15.72
C LEU B 136 -25.22 -18.15 -16.50
N ALA B 137 -24.33 -19.13 -16.34
CA ALA B 137 -22.99 -19.10 -16.93
C ALA B 137 -23.02 -19.07 -18.47
N SER B 138 -23.99 -19.75 -19.05
CA SER B 138 -24.14 -19.80 -20.51
C SER B 138 -25.58 -20.20 -20.86
N LYS B 139 -25.90 -20.21 -22.15
CA LYS B 139 -27.26 -20.61 -22.64
C LYS B 139 -27.43 -22.14 -22.70
N CYS B 140 -26.34 -22.84 -22.39
CA CYS B 140 -26.31 -24.29 -22.36
C CYS B 140 -27.16 -24.86 -21.19
N LYS B 141 -27.82 -26.01 -21.46
CA LYS B 141 -28.70 -26.63 -20.47
C LYS B 141 -27.83 -27.12 -19.28
N GLY B 142 -28.25 -26.78 -18.07
CA GLY B 142 -27.48 -27.15 -16.89
C GLY B 142 -26.30 -26.24 -16.58
N ALA B 143 -26.27 -25.07 -17.24
CA ALA B 143 -25.28 -24.05 -16.94
C ALA B 143 -25.43 -23.64 -15.48
N ALA B 144 -24.31 -23.43 -14.80
CA ALA B 144 -24.28 -23.04 -13.38
C ALA B 144 -24.86 -21.65 -13.13
N VAL B 145 -25.60 -21.51 -12.04
CA VAL B 145 -26.00 -20.20 -11.50
C VAL B 145 -24.76 -19.48 -10.86
N LYS B 146 -24.60 -18.21 -11.19
CA LYS B 146 -23.48 -17.45 -10.68
C LYS B 146 -23.98 -16.16 -10.05
N LEU B 147 -23.45 -15.91 -8.88
CA LEU B 147 -23.76 -14.70 -8.11
C LEU B 147 -22.90 -13.52 -8.63
N ALA B 148 -23.56 -12.41 -8.91
CA ALA B 148 -22.91 -11.18 -9.37
C ALA B 148 -23.08 -10.03 -8.39
N ASP B 149 -22.36 -8.95 -8.66
CA ASP B 149 -22.48 -7.60 -8.00
C ASP B 149 -22.25 -7.47 -6.49
N PHE B 150 -20.96 -7.36 -6.15
CA PHE B 150 -20.54 -7.20 -4.79
C PHE B 150 -20.27 -5.75 -4.49
N GLY B 151 -21.11 -4.89 -5.08
CA GLY B 151 -21.04 -3.47 -4.88
C GLY B 151 -21.41 -3.07 -3.47
N LEU B 152 -22.41 -3.74 -2.89
CA LEU B 152 -22.89 -3.42 -1.53
C LEU B 152 -22.29 -4.38 -0.49
N ALA B 153 -21.38 -5.25 -0.90
CA ALA B 153 -20.82 -6.28 -0.01
C ALA B 153 -19.95 -5.67 1.06
N ILE B 154 -19.93 -6.27 2.22
CA ILE B 154 -19.13 -5.75 3.33
C ILE B 154 -18.24 -6.88 3.85
N GLU B 155 -17.17 -6.48 4.53
CA GLU B 155 -16.35 -7.44 5.25
C GLU B 155 -16.73 -7.43 6.72
N VAL B 156 -16.91 -8.62 7.28
CA VAL B 156 -17.18 -8.83 8.70
C VAL B 156 -16.07 -9.66 9.33
N GLN B 157 -15.83 -9.45 10.62
CA GLN B 157 -14.82 -10.22 11.37
C GLN B 157 -15.50 -11.41 12.07
N GLY B 158 -15.23 -12.62 11.58
CA GLY B 158 -15.94 -13.83 12.05
C GLY B 158 -17.47 -13.66 12.08
N ASP B 159 -18.09 -13.97 13.21
CA ASP B 159 -19.52 -13.77 13.37
C ASP B 159 -19.84 -12.47 14.14
N GLN B 160 -18.92 -11.49 14.09
CA GLN B 160 -19.18 -10.14 14.64
C GLN B 160 -20.22 -9.40 13.83
N GLN B 161 -21.34 -9.06 14.49
CA GLN B 161 -22.47 -8.35 13.87
C GLN B 161 -22.48 -6.91 14.36
N ALA B 162 -22.97 -6.02 13.50
CA ALA B 162 -22.88 -4.58 13.74
C ALA B 162 -23.90 -3.87 12.83
N TRP B 163 -24.17 -2.61 13.12
CA TRP B 163 -25.07 -1.82 12.28
C TRP B 163 -24.21 -1.26 11.16
N PHE B 164 -24.35 -1.81 9.96
CA PHE B 164 -23.51 -1.40 8.86
C PHE B 164 -24.27 -0.46 7.92
N GLY B 165 -25.56 -0.23 8.19
CA GLY B 165 -26.36 0.72 7.42
C GLY B 165 -27.40 0.03 6.58
N PHE B 166 -28.33 0.83 6.04
CA PHE B 166 -29.35 0.32 5.13
C PHE B 166 -28.67 0.08 3.80
N ALA B 167 -29.01 -1.02 3.16
CA ALA B 167 -28.50 -1.38 1.84
C ALA B 167 -29.37 -2.53 1.43
N GLY B 168 -29.71 -2.60 0.15
CA GLY B 168 -30.43 -3.71 -0.39
C GLY B 168 -31.75 -3.29 -0.97
N THR B 169 -32.44 -4.26 -1.56
CA THR B 169 -33.63 -4.00 -2.31
C THR B 169 -34.80 -4.31 -1.39
N PRO B 170 -35.81 -3.40 -1.31
CA PRO B 170 -36.90 -3.48 -0.31
C PRO B 170 -37.50 -4.85 -0.04
N GLY B 171 -38.01 -5.53 -1.07
CA GLY B 171 -38.62 -6.83 -0.92
C GLY B 171 -37.77 -7.92 -0.31
N TYR B 172 -36.44 -7.75 -0.31
CA TYR B 172 -35.47 -8.74 0.18
C TYR B 172 -34.78 -8.39 1.49
N LEU B 173 -35.17 -7.25 2.06
CA LEU B 173 -34.59 -6.74 3.30
C LEU B 173 -35.02 -7.56 4.51
N SER B 174 -34.09 -7.78 5.44
CA SER B 174 -34.35 -8.59 6.61
C SER B 174 -34.97 -7.74 7.72
N PRO B 175 -35.70 -8.39 8.62
CA PRO B 175 -36.23 -7.65 9.76
C PRO B 175 -35.18 -6.85 10.55
N GLU B 176 -34.02 -7.44 10.84
CA GLU B 176 -32.99 -6.79 11.69
C GLU B 176 -32.34 -5.54 11.09
N VAL B 177 -32.29 -5.49 9.77
CA VAL B 177 -31.94 -4.28 9.04
C VAL B 177 -33.07 -3.26 9.13
N LEU B 178 -34.30 -3.66 8.93
CA LEU B 178 -35.46 -2.73 9.06
C LEU B 178 -35.75 -2.21 10.49
N ARG B 179 -35.31 -2.96 11.51
CA ARG B 179 -35.37 -2.49 12.91
C ARG B 179 -34.15 -1.62 13.28
N LYS B 180 -33.24 -1.44 12.31
CA LYS B 180 -31.98 -0.73 12.53
C LYS B 180 -31.13 -1.39 13.65
N GLU B 181 -31.16 -2.72 13.69
CA GLU B 181 -30.34 -3.51 14.64
C GLU B 181 -29.04 -4.05 14.02
N ALA B 182 -28.09 -4.42 14.89
CA ALA B 182 -26.87 -5.10 14.48
C ALA B 182 -27.20 -6.30 13.59
N TYR B 183 -26.50 -6.44 12.47
CA TYR B 183 -26.68 -7.60 11.61
C TYR B 183 -25.37 -8.09 11.02
N GLY B 184 -25.46 -9.23 10.35
CA GLY B 184 -24.39 -9.74 9.54
C GLY B 184 -24.90 -10.78 8.54
N LYS B 185 -24.24 -11.94 8.58
CA LYS B 185 -24.39 -13.03 7.60
C LYS B 185 -25.81 -13.53 7.40
N PRO B 186 -26.59 -13.63 8.49
CA PRO B 186 -27.96 -14.03 8.37
C PRO B 186 -28.84 -13.24 7.38
N VAL B 187 -28.48 -12.00 7.07
CA VAL B 187 -29.28 -11.18 6.16
C VAL B 187 -29.28 -11.78 4.77
N ASP B 188 -28.20 -12.51 4.45
CA ASP B 188 -28.08 -13.16 3.15
C ASP B 188 -28.93 -14.40 3.04
N ILE B 189 -29.13 -15.08 4.16
CA ILE B 189 -30.04 -16.24 4.28
C ILE B 189 -31.51 -15.85 4.24
N TRP B 190 -31.87 -14.72 4.84
CA TRP B 190 -33.19 -14.16 4.68
C TRP B 190 -33.52 -13.90 3.21
N ALA B 191 -32.66 -13.21 2.51
CA ALA B 191 -32.81 -12.93 1.07
C ALA B 191 -32.97 -14.21 0.25
N CYS B 192 -32.16 -15.23 0.63
CA CYS B 192 -32.21 -16.56 0.02
C CYS B 192 -33.53 -17.27 0.27
N GLY B 193 -34.17 -16.96 1.38
CA GLY B 193 -35.49 -17.51 1.69
C GLY B 193 -36.57 -16.86 0.85
N VAL B 194 -36.40 -15.58 0.54
CA VAL B 194 -37.36 -14.78 -0.29
C VAL B 194 -37.28 -15.29 -1.72
N ILE B 195 -36.04 -15.37 -2.23
CA ILE B 195 -35.76 -15.98 -3.51
C ILE B 195 -36.33 -17.41 -3.60
N LEU B 196 -36.11 -18.25 -2.60
CA LEU B 196 -36.67 -19.62 -2.66
C LEU B 196 -38.19 -19.69 -2.76
N TYR B 197 -38.87 -18.78 -2.06
CA TYR B 197 -40.33 -18.67 -2.09
C TYR B 197 -40.81 -18.35 -3.49
N ILE B 198 -40.14 -17.39 -4.14
CA ILE B 198 -40.47 -16.97 -5.52
C ILE B 198 -40.13 -18.05 -6.52
N LEU B 199 -39.03 -18.75 -6.25
CA LEU B 199 -38.64 -19.89 -7.07
C LEU B 199 -39.70 -20.97 -7.07
N LEU B 200 -40.48 -21.09 -6.01
CA LEU B 200 -41.47 -22.16 -5.91
C LEU B 200 -42.82 -21.77 -6.51
N VAL B 201 -43.30 -20.54 -6.24
CA VAL B 201 -44.64 -20.10 -6.67
C VAL B 201 -44.69 -18.95 -7.69
N GLY B 202 -43.56 -18.26 -7.90
CA GLY B 202 -43.42 -17.17 -8.87
C GLY B 202 -43.96 -15.80 -8.41
N TYR B 203 -44.22 -15.65 -7.11
CA TYR B 203 -44.55 -14.36 -6.54
C TYR B 203 -43.83 -14.23 -5.19
N PRO B 204 -43.65 -12.99 -4.71
CA PRO B 204 -42.95 -12.74 -3.46
C PRO B 204 -43.77 -13.01 -2.19
N PRO B 205 -43.10 -13.41 -1.10
CA PRO B 205 -43.76 -13.56 0.19
C PRO B 205 -44.31 -12.26 0.76
N PHE B 206 -43.60 -11.15 0.48
CA PHE B 206 -43.93 -9.82 1.00
C PHE B 206 -44.10 -8.84 -0.18
N TRP B 207 -45.28 -8.22 -0.25
CA TRP B 207 -45.60 -7.22 -1.24
C TRP B 207 -46.63 -6.24 -0.71
N ASP B 208 -46.41 -4.97 -1.05
CA ASP B 208 -47.38 -3.91 -0.84
C ASP B 208 -46.93 -2.72 -1.69
N GLU B 209 -47.85 -2.12 -2.45
CA GLU B 209 -47.54 -0.92 -3.24
C GLU B 209 -46.89 0.16 -2.33
N ASP B 210 -47.43 0.32 -1.12
CA ASP B 210 -46.87 1.19 -0.07
C ASP B 210 -45.81 0.41 0.68
N GLN B 211 -44.64 0.98 0.73
CA GLN B 211 -43.47 0.31 1.12
C GLN B 211 -43.35 0.31 2.63
N HIS B 212 -43.92 1.28 3.32
CA HIS B 212 -43.98 1.29 4.78
C HIS B 212 -44.79 0.11 5.28
N LYS B 213 -45.89 -0.18 4.57
CA LYS B 213 -46.69 -1.38 4.84
C LYS B 213 -45.92 -2.69 4.56
N LEU B 214 -45.15 -2.73 3.47
CA LEU B 214 -44.28 -3.85 3.17
C LEU B 214 -43.27 -4.12 4.28
N TYR B 215 -42.64 -3.05 4.80
CA TYR B 215 -41.64 -3.20 5.82
C TYR B 215 -42.21 -3.71 7.10
N GLN B 216 -43.46 -3.36 7.35
CA GLN B 216 -44.16 -3.87 8.54
C GLN B 216 -44.41 -5.35 8.46
N GLN B 217 -44.85 -5.82 7.29
CA GLN B 217 -44.99 -7.25 7.02
C GLN B 217 -43.70 -8.01 7.25
N ILE B 218 -42.60 -7.49 6.68
CA ILE B 218 -41.26 -8.09 6.84
C ILE B 218 -40.88 -8.13 8.32
N LYS B 219 -40.94 -7.01 9.02
CA LYS B 219 -40.65 -7.00 10.46
C LYS B 219 -41.48 -8.00 11.27
N ALA B 220 -42.72 -8.21 10.85
CA ALA B 220 -43.60 -9.20 11.47
C ALA B 220 -43.30 -10.63 10.97
N GLY B 221 -42.67 -10.73 9.80
CA GLY B 221 -42.44 -12.03 9.16
C GLY B 221 -43.69 -12.68 8.69
N ALA B 222 -44.63 -11.86 8.19
CA ALA B 222 -46.02 -12.28 7.90
C ALA B 222 -46.14 -12.70 6.45
N TYR B 223 -45.78 -13.95 6.21
CA TYR B 223 -46.00 -14.60 4.93
C TYR B 223 -46.83 -15.82 5.24
N ASP B 224 -47.46 -16.36 4.22
CA ASP B 224 -48.08 -17.67 4.34
C ASP B 224 -47.95 -18.46 3.06
N PHE B 225 -48.52 -19.65 3.07
CA PHE B 225 -48.48 -20.55 1.94
C PHE B 225 -49.92 -20.77 1.52
N PRO B 226 -50.51 -19.80 0.76
CA PRO B 226 -51.88 -19.93 0.32
C PRO B 226 -52.18 -21.16 -0.55
N SER B 227 -53.38 -21.69 -0.38
CA SER B 227 -53.97 -22.65 -1.33
C SER B 227 -54.51 -21.85 -2.50
N PRO B 228 -54.59 -22.47 -3.69
CA PRO B 228 -54.28 -23.86 -4.06
C PRO B 228 -52.83 -24.21 -4.34
N GLU B 229 -52.04 -23.21 -4.72
CA GLU B 229 -50.70 -23.43 -5.29
C GLU B 229 -49.67 -24.03 -4.33
N TRP B 230 -49.82 -23.78 -3.03
CA TRP B 230 -48.87 -24.32 -2.04
C TRP B 230 -49.27 -25.71 -1.53
N ASP B 231 -50.50 -26.11 -1.88
CA ASP B 231 -51.06 -27.42 -1.55
C ASP B 231 -50.24 -28.55 -2.11
N THR B 232 -49.67 -28.33 -3.30
CA THR B 232 -48.86 -29.34 -3.98
C THR B 232 -47.40 -29.27 -3.60
N VAL B 233 -46.98 -28.19 -2.93
CA VAL B 233 -45.57 -28.01 -2.54
C VAL B 233 -45.21 -28.89 -1.34
N THR B 234 -44.11 -29.63 -1.44
CA THR B 234 -43.76 -30.56 -0.39
C THR B 234 -43.59 -29.83 0.94
N PRO B 235 -43.89 -30.51 2.06
CA PRO B 235 -43.69 -29.94 3.38
C PRO B 235 -42.26 -29.69 3.73
N GLU B 236 -41.33 -30.38 3.07
CA GLU B 236 -39.88 -30.19 3.31
C GLU B 236 -39.35 -28.88 2.70
N ALA B 237 -39.90 -28.48 1.53
CA ALA B 237 -39.62 -27.16 0.95
C ALA B 237 -40.15 -26.01 1.88
N LYS B 238 -41.43 -26.12 2.27
CA LYS B 238 -42.02 -25.20 3.21
C LYS B 238 -41.21 -25.15 4.53
N ASN B 239 -40.75 -26.31 5.03
CA ASN B 239 -39.90 -26.38 6.22
C ASN B 239 -38.64 -25.55 6.06
N LEU B 240 -37.96 -25.64 4.91
CA LEU B 240 -36.72 -24.85 4.65
C LEU B 240 -37.00 -23.36 4.53
N ILE B 241 -38.05 -22.95 3.79
CA ILE B 241 -38.42 -21.56 3.75
C ILE B 241 -38.62 -21.02 5.18
N ASN B 242 -39.40 -21.74 5.99
CA ASN B 242 -39.62 -21.37 7.38
C ASN B 242 -38.34 -21.15 8.19
N GLN B 243 -37.30 -21.93 7.90
CA GLN B 243 -36.05 -21.83 8.69
C GLN B 243 -35.16 -20.67 8.24
N MET B 244 -35.27 -20.29 6.96
CA MET B 244 -34.59 -19.12 6.42
C MET B 244 -35.38 -17.82 6.73
N LEU B 245 -36.71 -17.84 6.64
CA LEU B 245 -37.53 -16.64 6.94
C LEU B 245 -37.89 -16.52 8.43
N THR B 246 -37.00 -16.97 9.28
CA THR B 246 -37.12 -16.80 10.71
C THR B 246 -36.68 -15.39 11.10
N ILE B 247 -37.53 -14.68 11.86
CA ILE B 247 -37.28 -13.28 12.24
C ILE B 247 -36.09 -13.12 13.18
N ASN B 248 -35.94 -13.98 14.17
CA ASN B 248 -34.73 -13.94 15.04
C ASN B 248 -33.52 -14.50 14.29
N PRO B 249 -32.55 -13.63 13.94
CA PRO B 249 -31.36 -14.02 13.15
C PRO B 249 -30.42 -15.03 13.80
N ALA B 250 -30.51 -15.16 15.12
CA ALA B 250 -29.69 -16.10 15.89
C ALA B 250 -30.29 -17.48 15.74
N LYS B 251 -31.59 -17.53 15.50
CA LYS B 251 -32.28 -18.80 15.33
C LYS B 251 -32.35 -19.21 13.86
N ARG B 252 -32.16 -18.27 12.93
CA ARG B 252 -32.14 -18.55 11.48
C ARG B 252 -31.06 -19.54 11.04
N ILE B 253 -31.42 -20.35 10.03
CA ILE B 253 -30.55 -21.40 9.49
C ILE B 253 -29.34 -20.75 8.80
N THR B 254 -28.19 -21.42 8.87
CA THR B 254 -27.01 -20.93 8.20
C THR B 254 -26.90 -21.61 6.86
N ALA B 255 -26.04 -21.09 6.01
CA ALA B 255 -25.84 -21.66 4.66
C ALA B 255 -25.32 -23.08 4.75
N HIS B 256 -24.52 -23.35 5.77
CA HIS B 256 -23.96 -24.66 5.98
C HIS B 256 -25.07 -25.69 6.34
N GLU B 257 -25.91 -25.34 7.32
CA GLU B 257 -27.02 -26.17 7.74
C GLU B 257 -28.06 -26.30 6.62
N ALA B 258 -28.37 -25.22 5.91
CA ALA B 258 -29.32 -25.27 4.77
C ALA B 258 -28.87 -26.24 3.66
N LEU B 259 -27.57 -26.36 3.46
CA LEU B 259 -27.06 -27.26 2.43
C LEU B 259 -27.11 -28.71 2.86
N LYS B 260 -27.31 -28.93 4.17
CA LYS B 260 -27.55 -30.26 4.79
C LYS B 260 -29.05 -30.62 4.89
N HIS B 261 -29.92 -29.71 4.44
CA HIS B 261 -31.36 -29.92 4.49
C HIS B 261 -31.64 -30.92 3.38
N PRO B 262 -32.52 -31.92 3.64
CA PRO B 262 -32.85 -32.99 2.67
C PRO B 262 -33.52 -32.54 1.37
N TRP B 263 -34.24 -31.45 1.40
CA TRP B 263 -34.81 -30.97 0.18
C TRP B 263 -33.73 -30.44 -0.79
N VAL B 264 -32.61 -29.98 -0.23
CA VAL B 264 -31.47 -29.50 -0.99
C VAL B 264 -30.52 -30.68 -1.30
N CYS B 265 -30.05 -31.43 -0.28
CA CYS B 265 -29.03 -32.45 -0.51
C CYS B 265 -29.53 -33.85 -0.86
N GLN B 266 -30.82 -34.11 -0.66
CA GLN B 266 -31.44 -35.37 -1.09
C GLN B 266 -32.62 -35.09 -1.98
N ARG B 267 -32.39 -34.18 -2.90
CA ARG B 267 -33.37 -33.65 -3.86
C ARG B 267 -34.08 -34.73 -4.69
N SER B 268 -33.32 -35.75 -5.10
CA SER B 268 -33.83 -36.75 -6.04
C SER B 268 -34.91 -37.64 -5.45
N THR B 269 -34.93 -37.70 -4.12
CA THR B 269 -35.92 -38.44 -3.36
C THR B 269 -36.92 -37.54 -2.61
N VAL B 270 -36.50 -36.33 -2.21
CA VAL B 270 -37.34 -35.46 -1.36
C VAL B 270 -38.12 -34.37 -2.12
N ALA B 271 -37.52 -33.84 -3.19
CA ALA B 271 -38.09 -32.71 -3.95
C ALA B 271 -39.01 -33.26 -5.04
N SER B 272 -40.16 -32.60 -5.23
CA SER B 272 -41.16 -33.03 -6.21
C SER B 272 -40.63 -32.85 -7.65
N MET B 273 -40.78 -33.88 -8.48
CA MET B 273 -40.39 -33.84 -9.90
C MET B 273 -41.58 -33.33 -10.74
N MET B 274 -42.54 -32.77 -10.09
CA MET B 274 -43.75 -32.33 -10.74
C MET B 274 -43.61 -30.99 -11.43
N HIS B 275 -43.99 -30.89 -12.69
CA HIS B 275 -43.99 -29.61 -13.41
C HIS B 275 -44.96 -28.64 -12.76
N ARG B 276 -44.51 -27.39 -12.61
CA ARG B 276 -45.28 -26.33 -11.96
C ARG B 276 -45.57 -25.21 -12.96
N GLN B 277 -46.37 -25.48 -13.95
CA GLN B 277 -46.77 -24.46 -14.89
C GLN B 277 -47.35 -23.16 -14.42
N GLU B 278 -48.02 -23.11 -13.29
CA GLU B 278 -48.54 -21.85 -12.69
C GLU B 278 -47.40 -21.00 -12.11
N THR B 279 -46.35 -21.63 -11.60
CA THR B 279 -45.13 -20.88 -11.22
C THR B 279 -44.54 -20.13 -12.41
N VAL B 280 -44.31 -20.87 -13.50
CA VAL B 280 -43.77 -20.33 -14.73
C VAL B 280 -44.56 -19.11 -15.24
N GLU B 281 -45.85 -19.13 -15.01
CA GLU B 281 -46.80 -18.16 -15.48
C GLU B 281 -46.83 -16.93 -14.62
N CYS B 282 -46.53 -17.09 -13.34
CA CYS B 282 -46.41 -16.03 -12.34
C CYS B 282 -45.07 -15.34 -12.40
N LEU B 283 -44.03 -16.16 -12.62
CA LEU B 283 -42.69 -15.63 -12.91
C LEU B 283 -42.73 -14.71 -14.09
N LYS B 284 -43.39 -15.12 -15.16
CA LYS B 284 -43.54 -14.27 -16.33
C LYS B 284 -44.07 -12.91 -15.91
N LYS B 285 -45.10 -12.90 -15.09
CA LYS B 285 -45.73 -11.66 -14.62
C LYS B 285 -44.85 -10.90 -13.61
N PHE B 286 -44.09 -11.64 -12.83
CA PHE B 286 -43.10 -11.09 -11.90
C PHE B 286 -42.00 -10.33 -12.65
N ASN B 287 -41.38 -11.04 -13.59
CA ASN B 287 -40.33 -10.52 -14.44
C ASN B 287 -40.81 -9.26 -15.20
N ALA B 288 -42.03 -9.28 -15.72
CA ALA B 288 -42.63 -8.12 -16.40
C ALA B 288 -42.81 -6.89 -15.44
N ARG B 289 -43.31 -7.14 -14.24
CA ARG B 289 -43.48 -6.10 -13.21
C ARG B 289 -42.15 -5.46 -12.77
N ARG B 290 -41.07 -6.25 -12.68
CA ARG B 290 -39.76 -5.77 -12.20
C ARG B 290 -39.05 -4.97 -13.29
N LYS B 291 -39.10 -5.44 -14.54
CA LYS B 291 -38.54 -4.71 -15.68
C LYS B 291 -39.39 -3.47 -16.03
N LEU B 292 -40.42 -3.19 -15.23
CA LEU B 292 -41.12 -1.89 -15.30
C LEU B 292 -40.79 -1.01 -14.05
N LYS B 293 -39.56 -1.15 -13.52
CA LYS B 293 -39.02 -0.24 -12.46
C LYS B 293 -37.75 0.51 -12.95
N MET C 2 41.30 -11.46 -4.29
CA MET C 2 40.14 -11.50 -5.25
C MET C 2 40.41 -10.81 -6.58
N THR C 3 40.87 -9.55 -6.52
CA THR C 3 41.29 -8.79 -7.70
C THR C 3 42.48 -9.52 -8.37
N ASP C 4 43.29 -10.18 -7.53
CA ASP C 4 44.39 -11.05 -7.98
C ASP C 4 43.87 -12.30 -8.72
N GLU C 5 42.82 -12.92 -8.19
CA GLU C 5 42.26 -14.18 -8.73
C GLU C 5 41.07 -14.05 -9.74
N TYR C 6 40.43 -12.89 -9.84
CA TYR C 6 39.24 -12.69 -10.69
C TYR C 6 39.22 -11.29 -11.30
N GLN C 7 38.64 -11.15 -12.48
CA GLN C 7 38.42 -9.83 -13.07
C GLN C 7 36.94 -9.61 -13.24
N LEU C 8 36.44 -8.54 -12.64
CA LEU C 8 35.04 -8.25 -12.62
C LEU C 8 34.70 -7.34 -13.81
N TYR C 9 33.47 -7.40 -14.29
CA TYR C 9 33.03 -6.66 -15.48
C TYR C 9 31.68 -6.00 -15.16
N GLU C 10 30.73 -6.10 -16.08
CA GLU C 10 29.42 -5.42 -15.97
C GLU C 10 28.55 -5.86 -14.77
N ASP C 11 27.64 -4.97 -14.37
CA ASP C 11 26.57 -5.31 -13.39
C ASP C 11 25.52 -6.26 -13.99
N ILE C 12 25.09 -7.25 -13.20
CA ILE C 12 24.30 -8.40 -13.68
C ILE C 12 23.15 -8.82 -12.71
N VAL C 19 25.37 -6.07 -4.93
CA VAL C 19 25.67 -5.98 -6.36
C VAL C 19 26.21 -7.32 -6.88
N VAL C 20 25.65 -7.80 -8.00
CA VAL C 20 26.16 -8.96 -8.76
C VAL C 20 26.86 -8.49 -10.04
N ARG C 21 28.09 -8.95 -10.25
CA ARG C 21 28.82 -8.56 -11.46
C ARG C 21 29.30 -9.79 -12.17
N ARG C 22 29.51 -9.64 -13.47
CA ARG C 22 30.08 -10.71 -14.22
C ARG C 22 31.59 -10.70 -13.98
N CYS C 23 32.18 -11.88 -13.80
CA CYS C 23 33.61 -11.94 -13.63
C CYS C 23 34.31 -13.06 -14.40
N VAL C 24 35.61 -12.96 -14.58
CA VAL C 24 36.36 -14.07 -15.17
C VAL C 24 37.38 -14.54 -14.14
N LYS C 25 37.48 -15.85 -13.95
CA LYS C 25 38.58 -16.45 -13.22
C LYS C 25 39.82 -16.45 -14.12
N LEU C 26 40.86 -15.76 -13.69
CA LEU C 26 41.99 -15.49 -14.53
C LEU C 26 42.90 -16.73 -14.68
N CYS C 27 42.76 -17.70 -13.76
CA CYS C 27 43.59 -18.91 -13.79
C CYS C 27 43.07 -19.75 -14.97
N THR C 28 41.73 -19.88 -15.04
CA THR C 28 41.06 -20.72 -16.03
C THR C 28 40.37 -20.00 -17.20
N GLY C 29 39.97 -18.76 -17.03
CA GLY C 29 39.36 -18.01 -18.12
C GLY C 29 37.87 -18.17 -18.19
N HIS C 30 37.26 -18.82 -17.20
CA HIS C 30 35.80 -19.03 -17.21
C HIS C 30 35.01 -17.93 -16.51
N GLU C 31 33.80 -17.71 -17.03
CA GLU C 31 32.96 -16.61 -16.66
C GLU C 31 31.98 -17.08 -15.60
N TYR C 32 31.72 -16.20 -14.63
CA TYR C 32 30.87 -16.51 -13.50
C TYR C 32 30.12 -15.25 -13.11
N ALA C 33 29.14 -15.40 -12.22
CA ALA C 33 28.52 -14.28 -11.49
C ALA C 33 29.09 -14.22 -10.05
N ALA C 34 29.67 -13.09 -9.64
CA ALA C 34 30.10 -12.86 -8.26
C ALA C 34 29.11 -11.92 -7.54
N LYS C 35 28.50 -12.40 -6.45
CA LYS C 35 27.69 -11.56 -5.52
C LYS C 35 28.65 -10.92 -4.50
N ILE C 36 28.65 -9.59 -4.46
CA ILE C 36 29.60 -8.86 -3.66
C ILE C 36 28.90 -8.36 -2.42
N ILE C 37 29.25 -8.93 -1.27
CA ILE C 37 28.62 -8.61 0.02
C ILE C 37 29.52 -7.72 0.87
N ASN C 38 29.10 -6.49 1.11
CA ASN C 38 29.78 -5.63 2.08
C ASN C 38 29.66 -6.20 3.50
N THR C 39 30.77 -6.71 4.07
CA THR C 39 30.74 -7.29 5.42
C THR C 39 31.32 -6.36 6.54
N LYS C 40 31.43 -5.06 6.26
CA LYS C 40 32.18 -4.18 7.14
C LYS C 40 31.40 -3.95 8.41
N LYS C 41 30.05 -4.05 8.32
CA LYS C 41 29.20 -3.71 9.46
C LYS C 41 28.19 -4.80 9.78
N LEU C 42 28.64 -6.07 9.71
CA LEU C 42 27.85 -7.27 10.09
C LEU C 42 28.43 -7.94 11.35
N SER C 43 27.56 -8.63 12.10
CA SER C 43 27.95 -9.31 13.35
C SER C 43 28.67 -10.66 13.11
N ALA C 44 29.03 -11.32 14.24
CA ALA C 44 29.50 -12.70 14.26
C ALA C 44 28.42 -13.62 13.70
N ARG C 45 27.20 -13.38 14.18
CA ARG C 45 26.04 -14.14 13.77
C ARG C 45 25.79 -13.97 12.28
N ASP C 46 25.72 -12.75 11.80
CA ASP C 46 25.43 -12.54 10.36
C ASP C 46 26.66 -12.83 9.44
N HIS C 47 27.86 -12.98 10.01
CA HIS C 47 29.02 -13.52 9.29
C HIS C 47 28.83 -15.03 9.11
N GLN C 48 28.40 -15.67 10.20
CA GLN C 48 28.19 -17.13 10.29
C GLN C 48 26.98 -17.58 9.47
N LYS C 49 26.00 -16.70 9.29
CA LYS C 49 24.92 -16.91 8.32
C LYS C 49 25.42 -17.02 6.89
N LEU C 50 26.37 -16.16 6.55
CA LEU C 50 27.06 -16.14 5.24
C LEU C 50 27.90 -17.39 5.00
N GLU C 51 28.70 -17.80 6.01
CA GLU C 51 29.51 -19.01 5.97
C GLU C 51 28.65 -20.25 5.81
N ARG C 52 27.49 -20.24 6.44
CA ARG C 52 26.47 -21.27 6.27
C ARG C 52 25.98 -21.42 4.83
N GLU C 53 25.49 -20.33 4.23
CA GLU C 53 25.05 -20.35 2.83
C GLU C 53 26.12 -20.94 1.93
N ALA C 54 27.35 -20.47 2.08
CA ALA C 54 28.49 -20.98 1.30
C ALA C 54 28.82 -22.46 1.61
N ARG C 55 28.60 -22.90 2.82
CA ARG C 55 28.85 -24.30 3.17
C ARG C 55 27.78 -25.21 2.56
N ILE C 56 26.58 -24.68 2.42
CA ILE C 56 25.46 -25.41 1.88
C ILE C 56 25.65 -25.50 0.35
N CYS C 57 26.09 -24.44 -0.27
CA CYS C 57 26.16 -24.47 -1.71
C CYS C 57 27.24 -25.39 -2.20
N ARG C 58 28.30 -25.53 -1.39
CA ARG C 58 29.35 -26.48 -1.70
C ARG C 58 28.83 -27.93 -1.82
N LEU C 59 27.80 -28.25 -1.04
CA LEU C 59 27.17 -29.56 -1.05
C LEU C 59 26.34 -29.87 -2.32
N LEU C 60 25.82 -28.85 -2.98
CA LEU C 60 24.89 -28.98 -4.12
C LEU C 60 25.56 -28.85 -5.51
N LYS C 61 25.84 -29.99 -6.18
CA LYS C 61 26.19 -30.07 -7.62
C LYS C 61 25.10 -30.85 -8.43
N HIS C 62 24.26 -30.10 -9.16
CA HIS C 62 23.15 -30.66 -9.90
C HIS C 62 22.79 -29.72 -11.05
N SER C 63 22.32 -30.27 -12.13
CA SER C 63 21.92 -29.54 -13.32
C SER C 63 20.94 -28.39 -13.09
N ASN C 64 20.07 -28.52 -12.09
CA ASN C 64 19.03 -27.52 -11.81
C ASN C 64 19.25 -26.81 -10.51
N ILE C 65 20.51 -26.74 -10.04
CA ILE C 65 20.89 -25.86 -8.94
C ILE C 65 22.00 -24.99 -9.50
N VAL C 66 21.95 -23.70 -9.20
CA VAL C 66 22.99 -22.76 -9.58
C VAL C 66 24.19 -23.01 -8.67
N ARG C 67 25.35 -23.30 -9.26
CA ARG C 67 26.49 -23.82 -8.49
C ARG C 67 27.42 -22.77 -7.93
N LEU C 68 27.79 -22.88 -6.67
CA LEU C 68 28.77 -21.99 -6.07
C LEU C 68 30.15 -22.53 -6.42
N HIS C 69 30.93 -21.75 -7.13
CA HIS C 69 32.25 -22.17 -7.53
C HIS C 69 33.34 -21.79 -6.60
N ASP C 70 33.09 -20.70 -5.91
CA ASP C 70 34.11 -20.15 -5.03
C ASP C 70 33.47 -19.28 -3.95
N SER C 71 34.17 -19.15 -2.82
CA SER C 71 33.82 -18.15 -1.82
C SER C 71 35.06 -17.47 -1.26
N ILE C 72 35.18 -16.17 -1.49
CA ILE C 72 36.39 -15.42 -1.13
C ILE C 72 36.12 -14.25 -0.16
N SER C 73 36.89 -14.21 0.94
CA SER C 73 36.78 -13.17 1.95
C SER C 73 37.90 -12.13 1.77
N GLU C 74 37.54 -10.92 1.31
CA GLU C 74 38.45 -9.78 1.36
C GLU C 74 38.18 -9.00 2.65
N GLU C 75 38.80 -7.82 2.78
CA GLU C 75 38.59 -6.92 3.93
C GLU C 75 37.84 -5.63 3.48
N GLY C 76 36.58 -5.41 3.88
CA GLY C 76 35.62 -6.40 4.37
C GLY C 76 34.51 -6.52 3.35
N PHE C 77 34.80 -7.32 2.33
CA PHE C 77 33.83 -7.68 1.33
C PHE C 77 33.84 -9.21 1.26
N HIS C 78 32.71 -9.77 0.82
CA HIS C 78 32.63 -11.19 0.55
C HIS C 78 32.14 -11.37 -0.85
N TYR C 79 32.74 -12.34 -1.53
CA TYR C 79 32.44 -12.65 -2.89
C TYR C 79 31.98 -14.08 -2.94
N LEU C 80 30.78 -14.27 -3.46
CA LEU C 80 30.27 -15.62 -3.71
C LEU C 80 30.20 -15.76 -5.19
N VAL C 81 31.05 -16.63 -5.74
CA VAL C 81 31.19 -16.78 -7.15
C VAL C 81 30.37 -17.95 -7.63
N PHE C 82 29.26 -17.63 -8.30
CA PHE C 82 28.32 -18.62 -8.81
C PHE C 82 28.45 -18.84 -10.29
N ASP C 83 27.82 -19.90 -10.76
CA ASP C 83 27.60 -20.06 -12.18
C ASP C 83 26.81 -18.88 -12.77
N LEU C 84 27.26 -18.41 -13.91
CA LEU C 84 26.58 -17.31 -14.59
C LEU C 84 25.31 -17.85 -15.35
N VAL C 85 24.17 -17.21 -15.07
CA VAL C 85 22.84 -17.66 -15.48
C VAL C 85 22.11 -16.44 -16.10
N THR C 86 21.75 -16.55 -17.39
CA THR C 86 21.31 -15.42 -18.19
C THR C 86 19.83 -15.42 -18.74
N GLY C 87 18.97 -16.42 -18.41
CA GLY C 87 17.55 -16.53 -18.90
C GLY C 87 16.42 -15.88 -18.12
N GLY C 88 16.73 -15.34 -16.94
CA GLY C 88 15.76 -14.63 -16.10
C GLY C 88 14.88 -15.55 -15.26
N GLU C 89 13.88 -14.98 -14.60
CA GLU C 89 12.86 -15.77 -13.90
C GLU C 89 11.97 -16.61 -14.84
N LEU C 90 11.66 -17.81 -14.39
CA LEU C 90 10.80 -18.75 -15.12
C LEU C 90 9.43 -18.14 -15.46
N PHE C 91 8.83 -17.49 -14.48
CA PHE C 91 7.46 -16.96 -14.60
C PHE C 91 7.36 -15.82 -15.62
N GLU C 92 8.45 -15.05 -15.76
CA GLU C 92 8.51 -13.96 -16.72
C GLU C 92 8.74 -14.46 -18.18
N ASP C 93 9.31 -15.66 -18.31
CA ASP C 93 9.55 -16.33 -19.59
C ASP C 93 8.30 -17.00 -20.10
N ILE C 94 7.55 -17.61 -19.18
CA ILE C 94 6.28 -18.28 -19.47
C ILE C 94 5.24 -17.32 -20.11
N VAL C 95 5.12 -16.11 -19.55
CA VAL C 95 4.18 -15.11 -20.08
C VAL C 95 4.58 -14.62 -21.48
N ALA C 96 5.82 -14.91 -21.89
CA ALA C 96 6.34 -14.49 -23.17
C ALA C 96 6.26 -15.58 -24.26
N ARG C 97 5.72 -16.75 -23.92
CA ARG C 97 5.61 -17.89 -24.87
C ARG C 97 4.31 -17.98 -25.65
N GLU C 98 4.39 -18.52 -26.87
CA GLU C 98 3.21 -18.66 -27.75
C GLU C 98 2.40 -19.91 -27.38
N TYR C 99 3.06 -20.94 -26.88
CA TYR C 99 2.36 -22.15 -26.41
C TYR C 99 2.72 -22.41 -24.93
N TYR C 100 1.70 -22.67 -24.14
CA TYR C 100 1.87 -23.04 -22.74
C TYR C 100 0.78 -24.02 -22.28
N SER C 101 1.20 -25.26 -22.02
CA SER C 101 0.31 -26.33 -21.59
C SER C 101 0.74 -26.94 -20.25
N GLU C 102 -0.08 -27.85 -19.71
CA GLU C 102 0.30 -28.69 -18.56
C GLU C 102 1.57 -29.47 -18.81
N ALA C 103 1.78 -29.93 -20.02
CA ALA C 103 3.03 -30.59 -20.42
C ALA C 103 4.23 -29.72 -20.07
N ASP C 104 4.10 -28.42 -20.32
CA ASP C 104 5.20 -27.46 -20.05
C ASP C 104 5.37 -27.23 -18.56
N ALA C 105 4.25 -27.13 -17.86
CA ALA C 105 4.26 -26.98 -16.43
C ALA C 105 4.87 -28.22 -15.75
N SER C 106 4.56 -29.39 -16.30
CA SER C 106 5.12 -30.65 -15.83
C SER C 106 6.64 -30.75 -15.94
N HIS C 107 7.15 -30.22 -17.03
CA HIS C 107 8.54 -30.21 -17.32
C HIS C 107 9.31 -29.26 -16.39
N CYS C 108 8.73 -28.09 -16.10
CA CYS C 108 9.28 -27.23 -15.06
C CYS C 108 9.32 -27.86 -13.69
N ILE C 109 8.22 -28.47 -13.23
CA ILE C 109 8.15 -29.01 -11.86
C ILE C 109 9.01 -30.25 -11.71
N GLN C 110 9.16 -31.01 -12.78
CA GLN C 110 10.09 -32.08 -12.83
C GLN C 110 11.51 -31.60 -12.55
N GLN C 111 11.94 -30.52 -13.19
CA GLN C 111 13.28 -29.95 -12.94
C GLN C 111 13.44 -29.35 -11.56
N ILE C 112 12.39 -28.71 -11.08
CA ILE C 112 12.35 -28.18 -9.72
C ILE C 112 12.44 -29.31 -8.70
N LEU C 113 11.67 -30.40 -8.93
CA LEU C 113 11.65 -31.55 -8.05
C LEU C 113 12.97 -32.32 -8.01
N GLU C 114 13.72 -32.30 -9.10
CA GLU C 114 15.04 -32.91 -9.18
C GLU C 114 16.07 -32.16 -8.37
N ALA C 115 16.01 -30.84 -8.47
CA ALA C 115 16.80 -29.95 -7.63
C ALA C 115 16.51 -30.19 -6.12
N VAL C 116 15.21 -30.26 -5.78
CA VAL C 116 14.77 -30.43 -4.41
C VAL C 116 15.20 -31.78 -3.86
N LEU C 117 15.03 -32.82 -4.67
CA LEU C 117 15.47 -34.17 -4.32
C LEU C 117 16.99 -34.24 -4.00
N HIS C 118 17.79 -33.62 -4.87
CA HIS C 118 19.21 -33.52 -4.62
C HIS C 118 19.58 -32.74 -3.37
N CYS C 119 19.02 -31.55 -3.16
CA CYS C 119 19.22 -30.88 -1.86
C CYS C 119 18.92 -31.77 -0.69
N HIS C 120 17.76 -32.44 -0.77
CA HIS C 120 17.29 -33.33 0.33
C HIS C 120 18.19 -34.53 0.58
N GLN C 121 18.73 -35.14 -0.48
CA GLN C 121 19.67 -36.23 -0.35
C GLN C 121 20.97 -35.75 0.33
N MET C 122 21.33 -34.48 0.11
CA MET C 122 22.56 -33.90 0.68
C MET C 122 22.33 -33.28 2.04
N GLY C 123 21.15 -33.47 2.59
CA GLY C 123 20.82 -32.97 3.91
C GLY C 123 20.51 -31.47 3.95
N VAL C 124 20.02 -30.91 2.86
CA VAL C 124 19.76 -29.49 2.80
C VAL C 124 18.28 -29.20 2.56
N VAL C 125 17.73 -28.31 3.36
CA VAL C 125 16.34 -27.87 3.17
C VAL C 125 16.43 -26.40 2.82
N HIS C 126 15.92 -26.08 1.64
CA HIS C 126 15.98 -24.74 1.06
C HIS C 126 15.21 -23.69 1.85
N ARG C 127 13.98 -24.05 2.20
CA ARG C 127 13.06 -23.22 2.98
C ARG C 127 12.52 -21.94 2.32
N ASP C 128 12.92 -21.62 1.11
CA ASP C 128 12.35 -20.45 0.48
C ASP C 128 12.21 -20.65 -1.04
N LEU C 129 11.63 -21.78 -1.41
CA LEU C 129 11.21 -22.00 -2.79
C LEU C 129 10.05 -21.06 -3.12
N LYS C 130 10.31 -20.20 -4.08
CA LYS C 130 9.34 -19.21 -4.55
C LYS C 130 9.73 -18.92 -5.99
N PRO C 131 8.87 -18.29 -6.78
CA PRO C 131 9.16 -17.96 -8.19
C PRO C 131 10.44 -17.19 -8.51
N GLU C 132 10.80 -16.24 -7.66
CA GLU C 132 11.98 -15.43 -7.88
C GLU C 132 13.29 -16.25 -7.76
N ASN C 133 13.24 -17.44 -7.14
CA ASN C 133 14.42 -18.32 -7.06
C ASN C 133 14.47 -19.44 -8.14
N LEU C 134 13.57 -19.37 -9.10
CA LEU C 134 13.52 -20.30 -10.21
C LEU C 134 13.95 -19.51 -11.40
N LEU C 135 15.15 -19.78 -11.87
CA LEU C 135 15.75 -19.02 -12.96
C LEU C 135 15.95 -19.92 -14.17
N LEU C 136 15.96 -19.35 -15.37
CA LEU C 136 16.29 -20.12 -16.60
C LEU C 136 17.79 -19.95 -16.93
N ALA C 137 18.45 -21.04 -17.34
CA ALA C 137 19.89 -21.03 -17.63
C ALA C 137 20.29 -20.00 -18.70
N SER C 138 19.45 -19.86 -19.73
CA SER C 138 19.70 -18.91 -20.83
C SER C 138 18.40 -18.47 -21.49
N LYS C 139 18.51 -17.61 -22.49
CA LYS C 139 17.33 -17.17 -23.24
C LYS C 139 16.99 -18.17 -24.35
N CYS C 140 17.76 -19.25 -24.48
CA CYS C 140 17.48 -20.30 -25.48
C CYS C 140 16.26 -21.14 -25.14
N LYS C 141 15.57 -21.63 -26.16
CA LYS C 141 14.36 -22.44 -25.99
C LYS C 141 14.81 -23.80 -25.40
N GLY C 142 14.13 -24.22 -24.33
CA GLY C 142 14.45 -25.46 -23.64
C GLY C 142 15.63 -25.37 -22.68
N ALA C 143 15.97 -24.14 -22.30
CA ALA C 143 16.97 -23.88 -21.27
C ALA C 143 16.49 -24.46 -19.94
N ALA C 144 17.41 -25.09 -19.22
CA ALA C 144 17.11 -25.64 -17.92
C ALA C 144 16.60 -24.57 -16.91
N VAL C 145 15.65 -24.96 -16.05
CA VAL C 145 15.30 -24.27 -14.83
C VAL C 145 16.39 -24.54 -13.76
N LYS C 146 16.81 -23.48 -13.08
CA LYS C 146 17.80 -23.59 -12.03
C LYS C 146 17.36 -22.90 -10.72
N LEU C 147 17.53 -23.63 -9.65
CA LEU C 147 17.21 -23.19 -8.33
C LEU C 147 18.35 -22.34 -7.79
N ALA C 148 17.99 -21.18 -7.21
CA ALA C 148 18.92 -20.19 -6.73
C ALA C 148 18.60 -19.84 -5.27
N ASP C 149 19.53 -19.08 -4.68
CA ASP C 149 19.46 -18.47 -3.35
C ASP C 149 19.21 -19.42 -2.19
N PHE C 150 20.29 -19.95 -1.65
CA PHE C 150 20.29 -20.78 -0.48
C PHE C 150 20.58 -19.98 0.76
N GLY C 151 20.17 -18.73 0.74
CA GLY C 151 20.42 -17.83 1.87
C GLY C 151 19.72 -18.23 3.15
N LEU C 152 18.53 -18.82 3.02
CA LEU C 152 17.71 -19.34 4.13
C LEU C 152 17.77 -20.86 4.29
N ALA C 153 18.56 -21.56 3.47
CA ALA C 153 18.73 -23.00 3.57
C ALA C 153 19.36 -23.44 4.91
N ILE C 154 19.04 -24.65 5.35
CA ILE C 154 19.56 -25.21 6.58
C ILE C 154 20.03 -26.63 6.30
N GLU C 155 20.90 -27.12 7.18
CA GLU C 155 21.34 -28.50 7.16
C GLU C 155 20.52 -29.26 8.19
N VAL C 156 19.99 -30.39 7.74
CA VAL C 156 19.32 -31.36 8.58
C VAL C 156 20.13 -32.67 8.64
N GLN C 157 19.89 -33.46 9.70
CA GLN C 157 20.51 -34.77 9.83
C GLN C 157 19.49 -35.83 9.44
N GLY C 158 19.72 -36.49 8.31
CA GLY C 158 18.80 -37.46 7.80
C GLY C 158 17.40 -36.88 7.77
N ASP C 159 16.45 -37.61 8.34
CA ASP C 159 15.05 -37.17 8.43
C ASP C 159 14.69 -36.60 9.80
N GLN C 160 15.73 -36.17 10.53
CA GLN C 160 15.54 -35.45 11.78
C GLN C 160 14.89 -34.05 11.54
N GLN C 161 13.73 -33.85 12.16
CA GLN C 161 12.98 -32.63 12.07
C GLN C 161 13.13 -31.88 13.38
N ALA C 162 12.97 -30.55 13.31
CA ALA C 162 13.13 -29.68 14.47
C ALA C 162 12.49 -28.35 14.18
N TRP C 163 12.33 -27.54 15.21
CA TRP C 163 11.83 -26.16 15.05
C TRP C 163 13.01 -25.26 14.72
N PHE C 164 13.18 -24.94 13.45
CA PHE C 164 14.37 -24.21 13.02
C PHE C 164 14.04 -22.73 12.91
N GLY C 165 12.77 -22.38 13.09
CA GLY C 165 12.38 -20.98 13.10
C GLY C 165 11.55 -20.64 11.89
N PHE C 166 11.02 -19.44 11.88
CA PHE C 166 10.30 -18.93 10.74
C PHE C 166 11.32 -18.53 9.70
N ALA C 167 10.98 -18.78 8.46
CA ALA C 167 11.82 -18.38 7.33
C ALA C 167 10.96 -18.67 6.13
N GLY C 168 10.97 -17.78 5.16
CA GLY C 168 10.28 -17.98 3.93
C GLY C 168 9.30 -16.86 3.62
N THR C 169 8.68 -16.98 2.46
CA THR C 169 7.76 -15.98 1.97
C THR C 169 6.34 -16.44 2.31
N PRO C 170 5.54 -15.55 2.90
CA PRO C 170 4.19 -15.89 3.44
C PRO C 170 3.34 -16.88 2.64
N GLY C 171 3.04 -16.57 1.36
CA GLY C 171 2.19 -17.44 0.52
C GLY C 171 2.69 -18.86 0.30
N TYR C 172 3.97 -19.12 0.55
CA TYR C 172 4.60 -20.43 0.33
C TYR C 172 4.89 -21.18 1.63
N LEU C 173 4.51 -20.61 2.76
CA LEU C 173 4.79 -21.20 4.07
C LEU C 173 3.87 -22.41 4.37
N SER C 174 4.41 -23.39 5.09
CA SER C 174 3.73 -24.63 5.30
C SER C 174 2.98 -24.57 6.58
N PRO C 175 1.95 -25.39 6.73
CA PRO C 175 1.22 -25.42 7.96
C PRO C 175 2.05 -25.69 9.20
N GLU C 176 3.01 -26.62 9.13
CA GLU C 176 3.80 -26.99 10.30
C GLU C 176 4.73 -25.89 10.80
N VAL C 177 5.22 -25.05 9.88
CA VAL C 177 5.98 -23.87 10.23
C VAL C 177 5.06 -22.86 10.90
N LEU C 178 3.88 -22.65 10.33
CA LEU C 178 2.86 -21.70 10.91
C LEU C 178 2.32 -22.12 12.28
N ARG C 179 2.32 -23.42 12.55
CA ARG C 179 1.93 -23.93 13.84
C ARG C 179 3.12 -24.02 14.78
N LYS C 180 4.27 -23.48 14.36
CA LYS C 180 5.54 -23.49 15.17
C LYS C 180 5.91 -24.92 15.62
N GLU C 181 5.67 -25.88 14.74
CA GLU C 181 6.01 -27.28 14.99
C GLU C 181 7.31 -27.68 14.34
N ALA C 182 7.88 -28.79 14.80
CA ALA C 182 9.07 -29.38 14.19
C ALA C 182 8.86 -29.63 12.71
N TYR C 183 9.86 -29.27 11.89
CA TYR C 183 9.72 -29.48 10.44
C TYR C 183 11.06 -29.82 9.83
N GLY C 184 11.00 -30.21 8.57
CA GLY C 184 12.21 -30.39 7.77
C GLY C 184 11.90 -30.36 6.30
N LYS C 185 12.33 -31.41 5.62
CA LYS C 185 12.29 -31.53 4.16
C LYS C 185 10.93 -31.30 3.50
N PRO C 186 9.85 -31.82 4.13
CA PRO C 186 8.52 -31.64 3.56
C PRO C 186 8.08 -30.23 3.24
N VAL C 187 8.75 -29.22 3.84
CA VAL C 187 8.33 -27.83 3.72
C VAL C 187 8.60 -27.37 2.29
N ASP C 188 9.59 -28.00 1.67
CA ASP C 188 9.99 -27.72 0.32
C ASP C 188 8.99 -28.28 -0.66
N ILE C 189 8.40 -29.41 -0.33
CA ILE C 189 7.37 -30.01 -1.14
C ILE C 189 6.03 -29.25 -1.05
N TRP C 190 5.71 -28.69 0.11
CA TRP C 190 4.59 -27.80 0.22
C TRP C 190 4.71 -26.63 -0.73
N ALA C 191 5.86 -25.95 -0.69
CA ALA C 191 6.15 -24.81 -1.53
C ALA C 191 6.07 -25.18 -2.99
N CYS C 192 6.70 -26.32 -3.34
CA CYS C 192 6.55 -26.88 -4.69
C CYS C 192 5.08 -27.11 -5.14
N GLY C 193 4.19 -27.50 -4.21
CA GLY C 193 2.76 -27.64 -4.48
C GLY C 193 2.09 -26.32 -4.82
N VAL C 194 2.52 -25.24 -4.11
CA VAL C 194 2.02 -23.89 -4.30
C VAL C 194 2.49 -23.41 -5.67
N ILE C 195 3.80 -23.52 -5.92
CA ILE C 195 4.34 -23.24 -7.25
C ILE C 195 3.58 -23.97 -8.35
N LEU C 196 3.34 -25.28 -8.19
CA LEU C 196 2.62 -26.05 -9.22
C LEU C 196 1.20 -25.60 -9.55
N TYR C 197 0.52 -25.11 -8.53
CA TYR C 197 -0.84 -24.62 -8.62
C TYR C 197 -0.87 -23.37 -9.45
N ILE C 198 0.11 -22.49 -9.18
CA ILE C 198 0.32 -21.23 -9.89
C ILE C 198 0.74 -21.47 -11.32
N LEU C 199 1.66 -22.41 -11.52
CA LEU C 199 2.06 -22.85 -12.86
C LEU C 199 0.84 -23.29 -13.73
N LEU C 200 -0.19 -23.85 -13.11
CA LEU C 200 -1.32 -24.37 -13.87
C LEU C 200 -2.44 -23.35 -14.16
N VAL C 201 -2.72 -22.45 -13.23
CA VAL C 201 -3.79 -21.48 -13.39
C VAL C 201 -3.35 -20.00 -13.32
N GLY C 202 -2.12 -19.73 -12.87
CA GLY C 202 -1.55 -18.40 -12.86
C GLY C 202 -1.93 -17.55 -11.69
N TYR C 203 -2.60 -18.13 -10.70
CA TYR C 203 -2.86 -17.44 -9.41
C TYR C 203 -2.57 -18.39 -8.28
N PRO C 204 -2.33 -17.87 -7.06
CA PRO C 204 -1.99 -18.70 -5.88
C PRO C 204 -3.21 -19.40 -5.24
N PRO C 205 -2.96 -20.58 -4.60
CA PRO C 205 -3.96 -21.30 -3.88
C PRO C 205 -4.44 -20.57 -2.61
N PHE C 206 -3.54 -19.80 -2.02
CA PHE C 206 -3.81 -19.05 -0.80
C PHE C 206 -3.49 -17.58 -1.06
N TRP C 207 -4.49 -16.75 -0.83
CA TRP C 207 -4.32 -15.31 -0.82
C TRP C 207 -5.29 -14.60 0.14
N ASP C 208 -4.76 -13.60 0.81
CA ASP C 208 -5.56 -12.62 1.54
C ASP C 208 -4.66 -11.40 1.71
N GLU C 209 -5.21 -10.20 1.49
CA GLU C 209 -4.50 -8.94 1.76
C GLU C 209 -3.94 -8.98 3.20
N ASP C 210 -4.79 -9.45 4.12
CA ASP C 210 -4.45 -9.62 5.55
C ASP C 210 -3.79 -10.98 5.66
N GLN C 211 -2.53 -10.96 6.07
CA GLN C 211 -1.68 -12.13 6.25
C GLN C 211 -1.85 -13.03 7.50
N HIS C 212 -2.58 -12.60 8.50
CA HIS C 212 -3.11 -13.47 9.53
C HIS C 212 -4.22 -14.36 8.89
N LYS C 213 -5.11 -13.75 8.09
CA LYS C 213 -6.18 -14.48 7.40
C LYS C 213 -5.62 -15.49 6.44
N LEU C 214 -4.55 -15.13 5.72
CA LEU C 214 -3.82 -16.02 4.81
C LEU C 214 -3.21 -17.22 5.56
N TYR C 215 -2.60 -16.96 6.70
CA TYR C 215 -2.01 -18.05 7.48
C TYR C 215 -3.06 -19.00 8.04
N GLN C 216 -4.28 -18.52 8.28
CA GLN C 216 -5.36 -19.40 8.70
C GLN C 216 -5.77 -20.35 7.55
N GLN C 217 -5.88 -19.82 6.34
CA GLN C 217 -6.13 -20.64 5.16
C GLN C 217 -5.09 -21.75 4.92
N ILE C 218 -3.81 -21.38 5.00
CA ILE C 218 -2.73 -22.34 4.89
C ILE C 218 -2.83 -23.42 6.00
N LYS C 219 -2.91 -23.03 7.26
CA LYS C 219 -3.05 -24.01 8.34
C LYS C 219 -4.25 -24.97 8.13
N ALA C 220 -5.32 -24.44 7.57
CA ALA C 220 -6.49 -25.24 7.25
C ALA C 220 -6.31 -26.04 5.95
N GLY C 221 -5.40 -25.63 5.08
CA GLY C 221 -5.17 -26.26 3.79
C GLY C 221 -6.35 -25.96 2.87
N ALA C 222 -6.87 -24.76 2.96
CA ALA C 222 -8.14 -24.43 2.32
C ALA C 222 -7.94 -23.83 0.94
N TYR C 223 -7.67 -24.70 -0.02
CA TYR C 223 -7.58 -24.30 -1.40
C TYR C 223 -8.67 -25.06 -2.11
N ASP C 224 -9.03 -24.64 -3.30
CA ASP C 224 -9.83 -25.53 -4.14
C ASP C 224 -9.46 -25.35 -5.61
N PHE C 225 -10.19 -26.04 -6.45
CA PHE C 225 -10.02 -26.00 -7.87
C PHE C 225 -11.29 -25.43 -8.52
N PRO C 226 -11.48 -24.10 -8.44
CA PRO C 226 -12.67 -23.49 -9.03
C PRO C 226 -12.89 -23.69 -10.54
N SER C 227 -14.14 -23.83 -10.94
CA SER C 227 -14.53 -23.76 -12.33
C SER C 227 -14.61 -22.28 -12.69
N PRO C 228 -14.42 -21.94 -13.98
CA PRO C 228 -14.18 -22.80 -15.15
C PRO C 228 -12.76 -23.30 -15.38
N GLU C 229 -11.76 -22.57 -14.91
CA GLU C 229 -10.38 -22.82 -15.36
C GLU C 229 -9.82 -24.18 -14.98
N TRP C 230 -10.27 -24.75 -13.86
CA TRP C 230 -9.78 -26.05 -13.39
C TRP C 230 -10.56 -27.21 -14.05
N ASP C 231 -11.63 -26.88 -14.74
CA ASP C 231 -12.45 -27.90 -15.44
C ASP C 231 -11.71 -28.63 -16.51
N THR C 232 -10.74 -27.95 -17.14
CA THR C 232 -9.93 -28.51 -18.21
C THR C 232 -8.63 -29.09 -17.69
N VAL C 233 -8.27 -28.84 -16.44
CA VAL C 233 -7.03 -29.38 -15.88
C VAL C 233 -7.22 -30.87 -15.62
N THR C 234 -6.25 -31.70 -16.03
CA THR C 234 -6.37 -33.16 -15.85
C THR C 234 -6.48 -33.52 -14.37
N PRO C 235 -7.22 -34.59 -14.06
CA PRO C 235 -7.31 -35.10 -12.71
C PRO C 235 -6.01 -35.59 -12.11
N GLU C 236 -5.04 -35.95 -12.96
CA GLU C 236 -3.70 -36.40 -12.52
C GLU C 236 -2.85 -35.28 -11.96
N ALA C 237 -2.98 -34.08 -12.55
CA ALA C 237 -2.34 -32.87 -12.06
C ALA C 237 -2.96 -32.44 -10.74
N LYS C 238 -4.28 -32.42 -10.70
CA LYS C 238 -5.01 -32.15 -9.43
C LYS C 238 -4.66 -33.16 -8.36
N ASN C 239 -4.54 -34.43 -8.71
CA ASN C 239 -4.03 -35.48 -7.79
C ASN C 239 -2.67 -35.14 -7.16
N LEU C 240 -1.68 -34.71 -7.96
CA LEU C 240 -0.33 -34.38 -7.50
C LEU C 240 -0.24 -33.13 -6.60
N ILE C 241 -0.96 -32.06 -6.99
CA ILE C 241 -1.17 -30.89 -6.13
C ILE C 241 -1.70 -31.29 -4.76
N ASN C 242 -2.74 -32.13 -4.76
CA ASN C 242 -3.32 -32.66 -3.51
C ASN C 242 -2.29 -33.40 -2.61
N GLN C 243 -1.37 -34.12 -3.21
CA GLN C 243 -0.42 -34.91 -2.44
C GLN C 243 0.71 -34.08 -1.86
N MET C 244 0.99 -32.94 -2.49
CA MET C 244 2.00 -31.96 -2.05
C MET C 244 1.40 -30.95 -1.07
N LEU C 245 0.16 -30.54 -1.31
CA LEU C 245 -0.57 -29.68 -0.39
C LEU C 245 -1.37 -30.40 0.69
N THR C 246 -0.80 -31.48 1.18
CA THR C 246 -1.29 -32.26 2.29
C THR C 246 -0.76 -31.70 3.57
N ILE C 247 -1.67 -31.37 4.48
CA ILE C 247 -1.34 -30.64 5.73
C ILE C 247 -0.42 -31.46 6.66
N ASN C 248 -0.67 -32.75 6.83
CA ASN C 248 0.19 -33.61 7.64
C ASN C 248 1.49 -33.91 6.87
N PRO C 249 2.63 -33.40 7.37
CA PRO C 249 3.90 -33.55 6.67
C PRO C 249 4.51 -34.94 6.58
N ALA C 250 4.01 -35.86 7.43
CA ALA C 250 4.43 -37.25 7.43
C ALA C 250 3.67 -37.99 6.31
N LYS C 251 2.51 -37.47 5.93
CA LYS C 251 1.72 -38.09 4.90
C LYS C 251 1.97 -37.42 3.55
N ARG C 252 2.59 -36.25 3.54
CA ARG C 252 2.96 -35.53 2.28
C ARG C 252 3.94 -36.30 1.38
N ILE C 253 3.78 -36.13 0.08
CA ILE C 253 4.59 -36.84 -0.91
C ILE C 253 6.02 -36.34 -0.85
N THR C 254 6.98 -37.19 -1.14
CA THR C 254 8.40 -36.79 -1.14
C THR C 254 8.81 -36.42 -2.56
N ALA C 255 9.95 -35.77 -2.71
CA ALA C 255 10.46 -35.44 -4.02
C ALA C 255 10.61 -36.68 -4.86
N HIS C 256 11.05 -37.76 -4.24
CA HIS C 256 11.36 -39.01 -4.89
C HIS C 256 10.13 -39.64 -5.47
N GLU C 257 9.07 -39.72 -4.65
CA GLU C 257 7.76 -40.24 -5.04
C GLU C 257 7.07 -39.36 -6.07
N ALA C 258 7.11 -38.04 -5.91
CA ALA C 258 6.49 -37.10 -6.86
C ALA C 258 7.12 -37.23 -8.27
N LEU C 259 8.40 -37.54 -8.34
CA LEU C 259 9.08 -37.76 -9.62
C LEU C 259 8.67 -39.07 -10.30
N LYS C 260 8.04 -39.95 -9.53
CA LYS C 260 7.45 -41.18 -10.00
C LYS C 260 5.96 -41.01 -10.32
N HIS C 261 5.41 -39.81 -10.15
CA HIS C 261 4.00 -39.59 -10.45
C HIS C 261 3.85 -39.54 -11.97
N PRO C 262 2.82 -40.17 -12.53
CA PRO C 262 2.67 -40.24 -14.00
C PRO C 262 2.54 -38.92 -14.76
N TRP C 263 2.03 -37.88 -14.11
CA TRP C 263 1.90 -36.59 -14.73
C TRP C 263 3.30 -35.98 -14.95
N VAL C 264 4.24 -36.35 -14.06
CA VAL C 264 5.61 -35.88 -14.14
C VAL C 264 6.39 -36.86 -15.03
N CYS C 265 6.40 -38.14 -14.72
CA CYS C 265 7.28 -39.01 -15.48
C CYS C 265 6.73 -39.62 -16.74
N GLN C 266 5.42 -39.55 -16.96
CA GLN C 266 4.81 -39.99 -18.21
C GLN C 266 4.02 -38.86 -18.82
N ARG C 267 4.61 -37.68 -18.78
CA ARG C 267 4.01 -36.41 -19.22
C ARG C 267 3.47 -36.45 -20.65
N SER C 268 4.17 -37.13 -21.56
CA SER C 268 3.80 -37.13 -22.98
C SER C 268 2.46 -37.77 -23.26
N THR C 269 2.03 -38.66 -22.36
CA THR C 269 0.75 -39.40 -22.46
C THR C 269 -0.28 -38.97 -21.38
N VAL C 270 0.18 -38.41 -20.27
CA VAL C 270 -0.70 -38.04 -19.14
C VAL C 270 -1.05 -36.54 -19.02
N ALA C 271 -0.12 -35.68 -19.42
CA ALA C 271 -0.27 -34.26 -19.26
C ALA C 271 -0.92 -33.67 -20.50
N SER C 272 -1.79 -32.71 -20.32
CA SER C 272 -2.53 -32.10 -21.44
C SER C 272 -1.57 -31.26 -22.33
N MET C 273 -1.64 -31.43 -23.65
CA MET C 273 -0.84 -30.65 -24.60
C MET C 273 -1.67 -29.42 -25.05
N MET C 274 -2.73 -29.11 -24.34
CA MET C 274 -3.55 -27.97 -24.62
C MET C 274 -3.02 -26.63 -24.13
N HIS C 275 -3.04 -25.65 -25.00
CA HIS C 275 -2.65 -24.31 -24.65
C HIS C 275 -3.59 -23.67 -23.63
N ARG C 276 -3.03 -22.97 -22.65
CA ARG C 276 -3.78 -22.41 -21.55
C ARG C 276 -3.58 -20.92 -21.51
N GLN C 277 -4.20 -20.22 -22.46
CA GLN C 277 -4.12 -18.77 -22.60
C GLN C 277 -4.46 -17.99 -21.32
N GLU C 278 -5.50 -18.43 -20.61
CA GLU C 278 -5.95 -17.77 -19.38
C GLU C 278 -4.91 -17.88 -18.24
N THR C 279 -4.15 -18.98 -18.18
CA THR C 279 -3.00 -19.04 -17.25
C THR C 279 -1.95 -17.97 -17.54
N VAL C 280 -1.52 -17.88 -18.79
CA VAL C 280 -0.56 -16.87 -19.24
C VAL C 280 -0.98 -15.43 -18.90
N GLU C 281 -2.27 -15.14 -19.05
CA GLU C 281 -2.83 -13.82 -18.71
C GLU C 281 -2.84 -13.58 -17.18
N CYS C 282 -3.15 -14.62 -16.42
CA CYS C 282 -3.15 -14.51 -14.97
C CYS C 282 -1.76 -14.43 -14.39
N LEU C 283 -0.83 -15.16 -14.99
CA LEU C 283 0.60 -14.98 -14.68
C LEU C 283 1.07 -13.59 -14.91
N LYS C 284 0.68 -12.98 -16.03
CA LYS C 284 1.01 -11.59 -16.31
C LYS C 284 0.60 -10.65 -15.19
N LYS C 285 -0.61 -10.84 -14.66
CA LYS C 285 -1.11 -10.05 -13.54
C LYS C 285 -0.37 -10.45 -12.26
N PHE C 286 -0.03 -11.72 -12.13
CA PHE C 286 0.66 -12.24 -10.94
C PHE C 286 2.05 -11.63 -10.83
N ASN C 287 2.75 -11.69 -11.96
CA ASN C 287 4.06 -11.09 -12.09
C ASN C 287 4.04 -9.59 -11.81
N ALA C 288 3.02 -8.89 -12.33
CA ALA C 288 2.87 -7.45 -12.10
C ALA C 288 2.62 -7.14 -10.62
N ARG C 289 1.75 -7.93 -9.97
CA ARG C 289 1.40 -7.75 -8.53
C ARG C 289 2.67 -7.88 -7.66
N ARG C 290 3.54 -8.82 -8.01
CA ARG C 290 4.70 -9.23 -7.17
C ARG C 290 5.85 -8.25 -7.32
N LYS C 291 6.05 -7.72 -8.54
CA LYS C 291 7.03 -6.66 -8.77
C LYS C 291 6.51 -5.25 -8.32
N LEU C 292 5.36 -5.24 -7.62
CA LEU C 292 4.90 -4.06 -6.90
C LEU C 292 4.95 -4.48 -5.41
N MET D 2 -2.54 6.54 -0.96
CA MET D 2 -2.85 7.94 -1.45
C MET D 2 -4.31 8.37 -1.22
N THR D 3 -5.23 7.61 -1.77
CA THR D 3 -6.65 7.80 -1.49
C THR D 3 -6.94 7.57 0.01
N ASP D 4 -6.09 6.76 0.64
CA ASP D 4 -6.17 6.59 2.07
C ASP D 4 -5.65 7.89 2.76
N GLU D 5 -4.55 8.46 2.27
CA GLU D 5 -3.89 9.60 2.97
C GLU D 5 -4.31 11.02 2.55
N TYR D 6 -4.97 11.16 1.38
CA TYR D 6 -5.32 12.47 0.80
C TYR D 6 -6.68 12.43 0.07
N GLN D 7 -7.42 13.52 0.10
CA GLN D 7 -8.69 13.58 -0.60
C GLN D 7 -8.57 14.63 -1.68
N LEU D 8 -8.75 14.23 -2.91
CA LEU D 8 -8.54 15.08 -4.05
C LEU D 8 -9.84 15.81 -4.39
N TYR D 9 -9.75 17.04 -4.88
CA TYR D 9 -10.93 17.87 -5.20
C TYR D 9 -10.91 18.36 -6.65
N GLU D 10 -11.14 19.65 -6.87
CA GLU D 10 -11.18 20.19 -8.23
C GLU D 10 -9.81 20.29 -8.94
N ASP D 11 -9.90 20.39 -10.29
CA ASP D 11 -8.72 20.60 -11.15
C ASP D 11 -8.15 22.04 -11.03
N ILE D 12 -6.83 22.17 -10.93
CA ILE D 12 -6.19 23.43 -10.51
C ILE D 12 -4.93 23.70 -11.31
N VAL D 19 -1.76 16.80 -14.90
CA VAL D 19 -2.89 17.38 -14.19
C VAL D 19 -2.48 17.71 -12.77
N VAL D 20 -3.13 18.75 -12.25
CA VAL D 20 -3.00 19.18 -10.84
C VAL D 20 -4.37 19.34 -10.18
N ARG D 21 -4.55 18.73 -9.00
CA ARG D 21 -5.82 18.84 -8.30
C ARG D 21 -5.59 19.34 -6.92
N ARG D 22 -6.60 20.01 -6.38
CA ARG D 22 -6.51 20.44 -5.01
C ARG D 22 -6.81 19.24 -4.13
N CYS D 23 -6.07 19.11 -3.04
CA CYS D 23 -6.26 17.97 -2.12
C CYS D 23 -6.20 18.37 -0.65
N VAL D 24 -6.77 17.54 0.22
CA VAL D 24 -6.64 17.73 1.64
C VAL D 24 -5.89 16.53 2.21
N LYS D 25 -4.92 16.77 3.06
CA LYS D 25 -4.30 15.70 3.84
C LYS D 25 -5.29 15.44 4.95
N LEU D 26 -5.74 14.20 5.08
CA LEU D 26 -6.80 13.85 6.00
C LEU D 26 -6.32 13.66 7.45
N CYS D 27 -5.03 13.44 7.67
CA CYS D 27 -4.47 13.34 9.01
C CYS D 27 -4.59 14.72 9.68
N THR D 28 -4.15 15.77 8.96
CA THR D 28 -4.00 17.14 9.47
C THR D 28 -5.12 18.09 9.05
N GLY D 29 -5.68 17.91 7.85
CA GLY D 29 -6.76 18.76 7.35
C GLY D 29 -6.31 19.88 6.43
N HIS D 30 -5.01 19.96 6.12
CA HIS D 30 -4.46 21.04 5.31
C HIS D 30 -4.52 20.79 3.82
N GLU D 31 -4.59 21.86 3.06
CA GLU D 31 -4.84 21.85 1.62
C GLU D 31 -3.53 21.91 0.90
N TYR D 32 -3.47 21.26 -0.25
CA TYR D 32 -2.28 21.25 -1.08
C TYR D 32 -2.69 21.12 -2.54
N ALA D 33 -1.72 21.30 -3.43
CA ALA D 33 -1.80 20.94 -4.83
C ALA D 33 -1.04 19.64 -5.05
N ALA D 34 -1.71 18.66 -5.62
CA ALA D 34 -1.08 17.42 -6.05
C ALA D 34 -0.92 17.43 -7.58
N LYS D 35 0.33 17.30 -8.09
CA LYS D 35 0.56 16.97 -9.49
C LYS D 35 0.50 15.45 -9.68
N ILE D 36 -0.40 14.99 -10.54
CA ILE D 36 -0.62 13.55 -10.72
C ILE D 36 0.12 13.08 -11.97
N ILE D 37 1.15 12.25 -11.79
CA ILE D 37 1.97 11.76 -12.91
C ILE D 37 1.64 10.29 -13.22
N ASN D 38 1.08 10.04 -14.40
CA ASN D 38 0.94 8.70 -14.90
C ASN D 38 2.30 8.12 -15.20
N THR D 39 2.72 7.11 -14.44
CA THR D 39 4.05 6.47 -14.60
C THR D 39 4.00 5.06 -15.23
N LYS D 40 2.88 4.73 -15.86
CA LYS D 40 2.60 3.37 -16.28
C LYS D 40 3.44 2.99 -17.49
N LYS D 41 3.90 3.98 -18.24
CA LYS D 41 4.68 3.73 -19.44
C LYS D 41 5.93 4.62 -19.52
N LEU D 42 6.62 4.81 -18.37
CA LEU D 42 7.95 5.50 -18.29
C LEU D 42 9.09 4.50 -18.01
N SER D 43 10.30 4.87 -18.41
CA SER D 43 11.50 4.04 -18.20
C SER D 43 12.06 4.13 -16.77
N ALA D 44 13.16 3.41 -16.54
CA ALA D 44 13.99 3.53 -15.34
C ALA D 44 14.60 4.93 -15.28
N ARG D 45 15.13 5.37 -16.41
CA ARG D 45 15.69 6.70 -16.53
C ARG D 45 14.67 7.77 -16.17
N ASP D 46 13.49 7.74 -16.80
CA ASP D 46 12.46 8.77 -16.58
C ASP D 46 11.77 8.65 -15.19
N HIS D 47 12.03 7.57 -14.49
CA HIS D 47 11.53 7.35 -13.16
C HIS D 47 12.50 7.85 -12.16
N GLN D 48 13.75 7.84 -12.55
CA GLN D 48 14.85 8.45 -11.80
C GLN D 48 14.92 9.98 -11.96
N LYS D 49 14.49 10.50 -13.11
CA LYS D 49 14.28 11.96 -13.29
C LYS D 49 13.22 12.45 -12.31
N LEU D 50 12.15 11.68 -12.14
CA LEU D 50 11.08 12.05 -11.19
C LEU D 50 11.59 12.05 -9.74
N GLU D 51 12.27 10.98 -9.35
CA GLU D 51 12.87 10.86 -8.02
C GLU D 51 13.80 12.02 -7.73
N ARG D 52 14.58 12.41 -8.75
CA ARG D 52 15.47 13.57 -8.70
C ARG D 52 14.76 14.90 -8.41
N GLU D 53 13.72 15.24 -9.20
CA GLU D 53 12.91 16.44 -8.94
C GLU D 53 12.43 16.45 -7.46
N ALA D 54 11.82 15.35 -7.03
CA ALA D 54 11.36 15.21 -5.64
C ALA D 54 12.47 15.36 -4.61
N ARG D 55 13.67 14.87 -4.91
CA ARG D 55 14.80 14.90 -3.99
C ARG D 55 15.34 16.33 -3.87
N ILE D 56 15.18 17.07 -4.96
CA ILE D 56 15.65 18.45 -5.03
C ILE D 56 14.67 19.37 -4.33
N CYS D 57 13.38 19.13 -4.48
CA CYS D 57 12.38 19.93 -3.78
C CYS D 57 12.40 19.75 -2.26
N ARG D 58 12.72 18.54 -1.80
CA ARG D 58 12.91 18.32 -0.37
C ARG D 58 13.98 19.27 0.24
N LEU D 59 14.99 19.61 -0.53
CA LEU D 59 16.10 20.49 -0.11
C LEU D 59 15.78 21.97 0.08
N LEU D 60 14.71 22.42 -0.59
CA LEU D 60 14.31 23.84 -0.69
C LEU D 60 13.11 24.26 0.20
N LYS D 61 13.43 24.89 1.33
CA LYS D 61 12.44 25.53 2.21
C LYS D 61 12.74 27.05 2.25
N HIS D 62 11.91 27.83 1.55
CA HIS D 62 12.10 29.26 1.41
C HIS D 62 10.77 29.89 1.02
N SER D 63 10.55 31.11 1.51
CA SER D 63 9.35 31.97 1.27
C SER D 63 8.94 32.13 -0.20
N ASN D 64 9.87 32.05 -1.11
CA ASN D 64 9.61 32.30 -2.54
C ASN D 64 9.86 31.11 -3.43
N ILE D 65 9.97 29.90 -2.84
CA ILE D 65 10.01 28.61 -3.56
C ILE D 65 8.74 27.86 -3.10
N VAL D 66 7.99 27.31 -4.06
CA VAL D 66 6.81 26.49 -3.79
C VAL D 66 7.28 25.12 -3.22
N ARG D 67 6.87 24.82 -1.99
CA ARG D 67 7.41 23.72 -1.24
C ARG D 67 6.73 22.40 -1.57
N LEU D 68 7.55 21.33 -1.70
CA LEU D 68 7.07 19.95 -1.86
C LEU D 68 6.87 19.38 -0.49
N HIS D 69 5.71 18.82 -0.26
CA HIS D 69 5.37 18.24 1.01
C HIS D 69 5.33 16.76 1.02
N ASP D 70 4.96 16.19 -0.11
CA ASP D 70 4.89 14.79 -0.26
C ASP D 70 5.16 14.30 -1.64
N SER D 71 5.58 13.05 -1.70
CA SER D 71 5.98 12.38 -2.92
C SER D 71 5.69 10.92 -2.82
N ILE D 72 4.59 10.48 -3.42
CA ILE D 72 3.85 9.27 -3.06
C ILE D 72 3.66 8.45 -4.31
N SER D 73 4.21 7.24 -4.31
CA SER D 73 4.17 6.33 -5.48
C SER D 73 3.05 5.32 -5.35
N GLU D 74 1.98 5.47 -6.14
CA GLU D 74 0.97 4.40 -6.27
C GLU D 74 1.37 3.53 -7.47
N GLU D 75 0.48 2.63 -7.88
CA GLU D 75 0.71 1.80 -9.04
C GLU D 75 -0.26 2.25 -10.16
N GLY D 76 0.21 2.72 -11.30
CA GLY D 76 1.45 3.43 -11.50
C GLY D 76 1.06 4.90 -11.75
N PHE D 77 0.92 5.61 -10.64
CA PHE D 77 0.73 7.01 -10.64
C PHE D 77 1.70 7.51 -9.62
N HIS D 78 2.18 8.73 -9.86
CA HIS D 78 2.99 9.41 -8.87
C HIS D 78 2.31 10.70 -8.50
N TYR D 79 2.36 11.01 -7.22
CA TYR D 79 1.76 12.22 -6.71
C TYR D 79 2.87 13.04 -6.08
N LEU D 80 3.01 14.28 -6.53
CA LEU D 80 3.86 15.28 -5.90
C LEU D 80 2.99 16.29 -5.25
N VAL D 81 3.03 16.33 -3.91
CA VAL D 81 2.12 17.18 -3.15
C VAL D 81 2.89 18.43 -2.78
N PHE D 82 2.50 19.54 -3.42
CA PHE D 82 3.10 20.85 -3.19
C PHE D 82 2.22 21.69 -2.31
N ASP D 83 2.78 22.78 -1.79
CA ASP D 83 1.95 23.89 -1.32
C ASP D 83 0.99 24.37 -2.42
N LEU D 84 -0.21 24.75 -1.99
CA LEU D 84 -1.24 25.29 -2.89
C LEU D 84 -1.02 26.81 -3.08
N VAL D 85 -1.01 27.24 -4.33
CA VAL D 85 -0.65 28.59 -4.74
C VAL D 85 -1.73 29.03 -5.71
N THR D 86 -2.43 30.12 -5.41
CA THR D 86 -3.72 30.47 -6.12
C THR D 86 -3.75 31.72 -7.00
N GLY D 87 -2.62 32.34 -7.16
CA GLY D 87 -2.59 33.59 -7.85
C GLY D 87 -2.26 33.59 -9.34
N GLY D 88 -1.89 32.44 -9.88
CA GLY D 88 -1.67 32.31 -11.31
C GLY D 88 -0.28 32.76 -11.66
N GLU D 89 0.02 32.80 -12.96
CA GLU D 89 1.28 33.31 -13.43
C GLU D 89 1.40 34.83 -13.16
N LEU D 90 2.62 35.24 -12.78
CA LEU D 90 2.96 36.65 -12.56
C LEU D 90 2.63 37.57 -13.76
N PHE D 91 3.01 37.13 -14.96
CA PHE D 91 2.81 37.94 -16.16
C PHE D 91 1.31 38.17 -16.49
N GLU D 92 0.46 37.21 -16.14
CA GLU D 92 -1.00 37.33 -16.41
C GLU D 92 -1.70 38.27 -15.41
N ASP D 93 -1.09 38.43 -14.24
CA ASP D 93 -1.53 39.33 -13.19
C ASP D 93 -1.16 40.78 -13.45
N ILE D 94 0.06 40.97 -13.95
CA ILE D 94 0.60 42.27 -14.29
C ILE D 94 -0.23 43.00 -15.35
N VAL D 95 -0.68 42.26 -16.36
CA VAL D 95 -1.54 42.83 -17.40
C VAL D 95 -2.92 43.26 -16.85
N ALA D 96 -3.31 42.74 -15.69
CA ALA D 96 -4.61 43.03 -15.12
C ALA D 96 -4.60 44.15 -14.07
N ARG D 97 -3.44 44.79 -13.85
CA ARG D 97 -3.27 45.87 -12.84
C ARG D 97 -3.48 47.28 -13.39
N GLU D 98 -3.94 48.18 -12.52
CA GLU D 98 -4.18 49.59 -12.87
C GLU D 98 -2.89 50.41 -12.78
N TYR D 99 -1.95 50.01 -11.92
CA TYR D 99 -0.66 50.66 -11.82
C TYR D 99 0.46 49.63 -11.99
N TYR D 100 1.44 49.96 -12.82
CA TYR D 100 2.62 49.13 -13.02
C TYR D 100 3.82 49.97 -13.35
N SER D 101 4.80 49.98 -12.45
CA SER D 101 6.05 50.74 -12.61
C SER D 101 7.29 49.85 -12.50
N GLU D 102 8.47 50.45 -12.71
CA GLU D 102 9.76 49.83 -12.36
C GLU D 102 9.82 49.37 -10.90
N ALA D 103 9.28 50.18 -10.00
CA ALA D 103 9.18 49.84 -8.59
C ALA D 103 8.56 48.47 -8.43
N ASP D 104 7.51 48.18 -9.21
CA ASP D 104 6.80 46.89 -9.14
C ASP D 104 7.62 45.76 -9.73
N ALA D 105 8.23 46.01 -10.89
CA ALA D 105 9.15 45.06 -11.52
C ALA D 105 10.33 44.72 -10.58
N SER D 106 10.85 45.74 -9.87
CA SER D 106 11.96 45.60 -8.95
C SER D 106 11.60 44.68 -7.81
N HIS D 107 10.38 44.83 -7.33
CA HIS D 107 9.83 44.02 -6.26
C HIS D 107 9.71 42.55 -6.68
N CYS D 108 9.20 42.28 -7.87
CA CYS D 108 9.19 40.93 -8.43
C CYS D 108 10.57 40.34 -8.57
N ILE D 109 11.50 41.07 -9.20
CA ILE D 109 12.85 40.51 -9.48
C ILE D 109 13.63 40.33 -8.21
N GLN D 110 13.33 41.13 -7.19
CA GLN D 110 13.87 40.92 -5.85
C GLN D 110 13.45 39.58 -5.26
N GLN D 111 12.16 39.26 -5.35
CA GLN D 111 11.66 37.97 -4.86
C GLN D 111 12.21 36.78 -5.66
N ILE D 112 12.26 36.93 -6.96
CA ILE D 112 12.85 35.93 -7.84
C ILE D 112 14.37 35.75 -7.55
N LEU D 113 15.08 36.84 -7.26
CA LEU D 113 16.51 36.73 -6.94
C LEU D 113 16.78 36.10 -5.57
N GLU D 114 15.81 36.20 -4.66
CA GLU D 114 15.91 35.56 -3.34
C GLU D 114 15.75 34.05 -3.46
N ALA D 115 14.76 33.64 -4.24
CA ALA D 115 14.54 32.25 -4.53
C ALA D 115 15.77 31.63 -5.22
N VAL D 116 16.33 32.31 -6.21
CA VAL D 116 17.51 31.84 -6.95
C VAL D 116 18.77 31.74 -6.04
N LEU D 117 18.94 32.73 -5.18
CA LEU D 117 20.01 32.77 -4.22
C LEU D 117 19.93 31.55 -3.33
N HIS D 118 18.75 31.30 -2.77
CA HIS D 118 18.54 30.16 -1.92
C HIS D 118 18.79 28.83 -2.65
N CYS D 119 18.26 28.62 -3.85
CA CYS D 119 18.62 27.43 -4.62
C CYS D 119 20.09 27.26 -4.73
N HIS D 120 20.77 28.33 -5.11
CA HIS D 120 22.21 28.34 -5.32
C HIS D 120 22.99 28.01 -4.06
N GLN D 121 22.60 28.55 -2.90
CA GLN D 121 23.23 28.23 -1.61
C GLN D 121 23.05 26.74 -1.28
N MET D 122 21.95 26.16 -1.72
CA MET D 122 21.66 24.74 -1.47
C MET D 122 22.22 23.83 -2.54
N GLY D 123 22.99 24.38 -3.48
CA GLY D 123 23.65 23.61 -4.55
C GLY D 123 22.66 23.23 -5.65
N VAL D 124 21.67 24.05 -5.89
CA VAL D 124 20.69 23.69 -6.93
C VAL D 124 20.68 24.74 -8.02
N VAL D 125 20.78 24.30 -9.27
CA VAL D 125 20.60 25.19 -10.40
C VAL D 125 19.28 24.78 -11.08
N HIS D 126 18.38 25.71 -11.16
CA HIS D 126 17.06 25.51 -11.71
C HIS D 126 17.06 25.18 -13.19
N ARG D 127 17.82 25.98 -13.96
CA ARG D 127 17.98 25.83 -15.43
C ARG D 127 16.74 26.03 -16.31
N ASP D 128 15.61 26.40 -15.74
CA ASP D 128 14.51 26.72 -16.60
C ASP D 128 13.64 27.79 -15.96
N LEU D 129 14.28 28.89 -15.56
CA LEU D 129 13.59 30.12 -15.18
C LEU D 129 12.96 30.76 -16.42
N LYS D 130 11.65 30.81 -16.40
CA LYS D 130 10.85 31.35 -17.46
C LYS D 130 9.53 31.80 -16.81
N PRO D 131 8.77 32.65 -17.49
CA PRO D 131 7.55 33.22 -16.92
C PRO D 131 6.53 32.23 -16.36
N GLU D 132 6.41 31.08 -17.01
CA GLU D 132 5.40 30.09 -16.62
C GLU D 132 5.73 29.44 -15.26
N ASN D 133 6.97 29.61 -14.80
CA ASN D 133 7.42 29.10 -13.49
C ASN D 133 7.45 30.15 -12.39
N LEU D 134 6.94 31.32 -12.70
CA LEU D 134 6.83 32.39 -11.73
C LEU D 134 5.37 32.58 -11.39
N LEU D 135 4.96 32.08 -10.23
CA LEU D 135 3.55 32.06 -9.85
C LEU D 135 3.30 33.01 -8.67
N LEU D 136 2.10 33.52 -8.57
CA LEU D 136 1.70 34.30 -7.38
C LEU D 136 1.00 33.42 -6.33
N ALA D 137 1.31 33.63 -5.05
CA ALA D 137 0.80 32.81 -3.95
C ALA D 137 -0.73 32.81 -3.82
N SER D 138 -1.34 33.94 -4.12
CA SER D 138 -2.79 34.08 -4.06
C SER D 138 -3.20 35.23 -4.91
N LYS D 139 -4.50 35.46 -5.03
CA LYS D 139 -5.06 36.58 -5.84
C LYS D 139 -5.04 37.88 -5.03
N CYS D 140 -4.65 37.78 -3.76
CA CYS D 140 -4.57 38.94 -2.90
C CYS D 140 -3.43 39.88 -3.33
N LYS D 141 -3.67 41.19 -3.14
CA LYS D 141 -2.73 42.23 -3.56
C LYS D 141 -1.49 42.14 -2.70
N GLY D 142 -0.32 42.13 -3.34
CA GLY D 142 0.92 41.93 -2.63
C GLY D 142 1.24 40.49 -2.23
N ALA D 143 0.57 39.51 -2.87
CA ALA D 143 0.92 38.10 -2.75
C ALA D 143 2.36 37.94 -3.22
N ALA D 144 3.11 37.06 -2.54
CA ALA D 144 4.47 36.69 -2.97
C ALA D 144 4.53 36.00 -4.35
N VAL D 145 5.60 36.29 -5.09
CA VAL D 145 5.99 35.52 -6.25
C VAL D 145 6.73 34.25 -5.78
N LYS D 146 6.32 33.11 -6.36
CA LYS D 146 6.87 31.82 -6.02
C LYS D 146 7.38 31.06 -7.27
N LEU D 147 8.58 30.54 -7.10
CA LEU D 147 9.26 29.77 -8.12
C LEU D 147 8.77 28.31 -8.10
N ALA D 148 8.41 27.82 -9.30
CA ALA D 148 7.86 26.48 -9.48
C ALA D 148 8.65 25.72 -10.52
N ASP D 149 8.36 24.42 -10.57
CA ASP D 149 8.90 23.42 -11.50
C ASP D 149 10.40 23.22 -11.50
N PHE D 150 10.90 22.34 -10.61
CA PHE D 150 12.30 21.95 -10.56
C PHE D 150 12.56 20.66 -11.33
N GLY D 151 11.80 20.48 -12.41
CA GLY D 151 11.90 19.29 -13.24
C GLY D 151 13.25 19.17 -13.90
N LEU D 152 13.80 20.30 -14.36
CA LEU D 152 15.10 20.36 -15.06
C LEU D 152 16.27 20.75 -14.13
N ALA D 153 15.98 20.96 -12.85
CA ALA D 153 16.97 21.38 -11.89
C ALA D 153 18.02 20.32 -11.74
N ILE D 154 19.25 20.77 -11.46
CA ILE D 154 20.38 19.88 -11.20
C ILE D 154 21.01 20.23 -9.86
N GLU D 155 21.78 19.30 -9.31
CA GLU D 155 22.66 19.54 -8.17
C GLU D 155 24.09 19.76 -8.64
N VAL D 156 24.72 20.81 -8.14
CA VAL D 156 26.10 21.14 -8.38
C VAL D 156 26.86 21.05 -7.05
N GLN D 157 28.18 20.84 -7.14
CA GLN D 157 29.07 20.83 -5.95
C GLN D 157 29.78 22.18 -5.84
N GLY D 158 29.36 23.02 -4.87
CA GLY D 158 29.88 24.37 -4.71
C GLY D 158 29.77 25.11 -6.02
N ASP D 159 30.87 25.76 -6.41
CA ASP D 159 30.92 26.49 -7.66
C ASP D 159 31.52 25.66 -8.84
N GLN D 160 31.55 24.32 -8.68
CA GLN D 160 31.97 23.41 -9.74
C GLN D 160 31.02 23.36 -10.96
N GLN D 161 31.54 23.85 -12.10
CA GLN D 161 30.80 23.97 -13.34
C GLN D 161 31.14 22.77 -14.24
N ALA D 162 30.23 22.44 -15.14
CA ALA D 162 30.35 21.26 -15.97
C ALA D 162 29.31 21.27 -17.08
N TRP D 163 29.49 20.42 -18.07
CA TRP D 163 28.56 20.37 -19.19
C TRP D 163 27.47 19.45 -18.78
N PHE D 164 26.31 20.01 -18.42
CA PHE D 164 25.22 19.19 -17.89
C PHE D 164 24.15 18.95 -18.95
N GLY D 165 24.31 19.54 -20.10
CA GLY D 165 23.43 19.23 -21.22
C GLY D 165 22.56 20.39 -21.56
N PHE D 166 21.88 20.26 -22.68
CA PHE D 166 20.91 21.28 -23.10
C PHE D 166 19.65 21.07 -22.27
N ALA D 167 19.08 22.16 -21.82
CA ALA D 167 17.89 22.08 -21.04
C ALA D 167 17.47 23.53 -20.96
N GLY D 168 16.18 23.76 -21.12
CA GLY D 168 15.62 25.09 -20.95
C GLY D 168 14.88 25.55 -22.17
N THR D 169 14.29 26.73 -22.04
CA THR D 169 13.47 27.30 -23.08
C THR D 169 14.36 28.26 -23.91
N PRO D 170 14.35 28.12 -25.25
CA PRO D 170 15.23 28.86 -26.19
C PRO D 170 15.53 30.36 -25.85
N GLY D 171 14.50 31.21 -25.75
CA GLY D 171 14.69 32.64 -25.47
C GLY D 171 15.48 32.97 -24.20
N TYR D 172 15.51 32.03 -23.25
CA TYR D 172 16.10 32.21 -21.89
C TYR D 172 17.44 31.51 -21.73
N LEU D 173 17.91 30.88 -22.81
CA LEU D 173 19.17 30.10 -22.81
C LEU D 173 20.43 30.96 -22.81
N SER D 174 21.44 30.56 -22.04
CA SER D 174 22.59 31.40 -21.84
C SER D 174 23.59 31.11 -22.92
N PRO D 175 24.49 32.07 -23.18
CA PRO D 175 25.52 31.84 -24.17
C PRO D 175 26.39 30.64 -23.93
N GLU D 176 26.75 30.35 -22.70
CA GLU D 176 27.68 29.24 -22.40
C GLU D 176 27.08 27.83 -22.55
N VAL D 177 25.75 27.72 -22.41
CA VAL D 177 25.02 26.51 -22.75
C VAL D 177 25.02 26.39 -24.28
N LEU D 178 24.66 27.45 -25.00
CA LEU D 178 24.60 27.44 -26.47
C LEU D 178 25.97 27.18 -27.17
N ARG D 179 27.05 27.52 -26.45
CA ARG D 179 28.41 27.18 -26.90
C ARG D 179 28.86 25.80 -26.41
N LYS D 180 27.95 25.05 -25.81
CA LYS D 180 28.23 23.71 -25.29
C LYS D 180 29.45 23.70 -24.36
N GLU D 181 29.57 24.77 -23.55
CA GLU D 181 30.63 24.87 -22.55
C GLU D 181 30.13 24.52 -21.17
N ALA D 182 31.09 24.24 -20.29
CA ALA D 182 30.83 24.00 -18.87
C ALA D 182 30.01 25.17 -18.25
N TYR D 183 28.96 24.86 -17.50
CA TYR D 183 28.16 25.91 -16.89
C TYR D 183 27.72 25.54 -15.46
N GLY D 184 27.08 26.49 -14.78
CA GLY D 184 26.42 26.22 -13.54
C GLY D 184 25.47 27.34 -13.20
N LYS D 185 25.63 27.85 -12.00
CA LYS D 185 24.71 28.82 -11.36
C LYS D 185 24.41 30.07 -12.17
N PRO D 186 25.44 30.65 -12.86
CA PRO D 186 25.22 31.82 -13.69
C PRO D 186 24.11 31.78 -14.74
N VAL D 187 23.73 30.59 -15.18
CA VAL D 187 22.73 30.43 -16.21
C VAL D 187 21.38 30.95 -15.72
N ASP D 188 21.14 30.79 -14.41
CA ASP D 188 19.91 31.25 -13.77
C ASP D 188 19.86 32.75 -13.73
N ILE D 189 21.01 33.41 -13.57
CA ILE D 189 21.08 34.87 -13.55
C ILE D 189 20.90 35.45 -14.93
N TRP D 190 21.42 34.76 -15.97
CA TRP D 190 21.10 35.12 -17.34
C TRP D 190 19.62 35.11 -17.57
N ALA D 191 18.96 34.01 -17.26
CA ALA D 191 17.49 33.89 -17.41
C ALA D 191 16.73 34.98 -16.64
N CYS D 192 17.21 35.30 -15.45
CA CYS D 192 16.66 36.42 -14.66
C CYS D 192 16.85 37.77 -15.32
N GLY D 193 17.92 37.95 -16.10
CA GLY D 193 18.17 39.17 -16.87
C GLY D 193 17.16 39.36 -17.97
N VAL D 194 16.81 38.24 -18.64
CA VAL D 194 15.88 38.14 -19.75
C VAL D 194 14.50 38.46 -19.23
N ILE D 195 14.13 37.83 -18.11
CA ILE D 195 12.87 38.10 -17.40
C ILE D 195 12.78 39.60 -17.01
N LEU D 196 13.84 40.13 -16.37
CA LEU D 196 13.84 41.54 -16.00
C LEU D 196 13.59 42.53 -17.17
N TYR D 197 14.16 42.23 -18.33
CA TYR D 197 14.00 43.04 -19.52
C TYR D 197 12.53 43.04 -19.95
N ILE D 198 11.92 41.86 -19.97
CA ILE D 198 10.51 41.69 -20.30
C ILE D 198 9.59 42.33 -19.28
N LEU D 199 9.96 42.21 -18.01
CA LEU D 199 9.27 42.92 -16.95
C LEU D 199 9.20 44.45 -17.15
N LEU D 200 10.22 45.04 -17.78
CA LEU D 200 10.34 46.48 -17.93
C LEU D 200 9.65 47.01 -19.22
N VAL D 201 9.72 46.27 -20.32
CA VAL D 201 9.14 46.76 -21.58
C VAL D 201 8.06 45.83 -22.19
N GLY D 202 7.96 44.59 -21.70
CA GLY D 202 6.93 43.67 -22.16
C GLY D 202 7.22 42.91 -23.44
N TYR D 203 8.46 42.98 -23.90
CA TYR D 203 8.94 42.12 -25.00
C TYR D 203 10.35 41.62 -24.66
N PRO D 204 10.78 40.53 -25.31
CA PRO D 204 12.08 39.90 -25.04
C PRO D 204 13.27 40.57 -25.69
N PRO D 205 14.44 40.49 -25.02
CA PRO D 205 15.66 41.04 -25.57
C PRO D 205 16.12 40.33 -26.84
N PHE D 206 15.83 39.02 -26.91
CA PHE D 206 16.24 38.18 -28.03
C PHE D 206 15.02 37.50 -28.64
N TRP D 207 14.81 37.73 -29.92
CA TRP D 207 13.74 37.09 -30.65
C TRP D 207 14.13 36.88 -32.11
N ASP D 208 13.74 35.75 -32.67
CA ASP D 208 13.78 35.50 -34.11
C ASP D 208 12.86 34.30 -34.39
N GLU D 209 12.03 34.40 -35.44
CA GLU D 209 11.19 33.26 -35.88
C GLU D 209 12.08 32.01 -36.10
N ASP D 210 13.23 32.25 -36.69
CA ASP D 210 14.28 31.25 -36.84
C ASP D 210 15.17 31.23 -35.60
N GLN D 211 15.37 30.06 -35.03
CA GLN D 211 15.98 29.90 -33.72
C GLN D 211 17.44 29.84 -33.79
N HIS D 212 17.92 29.35 -34.90
CA HIS D 212 19.38 29.38 -35.11
C HIS D 212 19.88 30.86 -35.10
N LYS D 213 19.08 31.73 -35.74
CA LYS D 213 19.36 33.15 -35.73
C LYS D 213 19.25 33.71 -34.30
N LEU D 214 18.20 33.31 -33.57
CA LEU D 214 18.04 33.66 -32.15
C LEU D 214 19.29 33.28 -31.36
N TYR D 215 19.72 32.04 -31.48
CA TYR D 215 20.88 31.55 -30.72
C TYR D 215 22.13 32.37 -31.02
N GLN D 216 22.27 32.85 -32.26
CA GLN D 216 23.43 33.65 -32.64
C GLN D 216 23.42 35.05 -31.97
N GLN D 217 22.23 35.65 -31.86
CA GLN D 217 22.01 36.85 -31.06
C GLN D 217 22.36 36.66 -29.60
N ILE D 218 21.87 35.59 -28.97
CA ILE D 218 22.22 35.27 -27.59
C ILE D 218 23.75 35.14 -27.44
N LYS D 219 24.35 34.23 -28.20
CA LYS D 219 25.80 34.02 -28.13
C LYS D 219 26.59 35.34 -28.26
N ALA D 220 26.07 36.24 -29.10
CA ALA D 220 26.65 37.58 -29.28
C ALA D 220 26.27 38.55 -28.15
N GLY D 221 25.18 38.27 -27.46
CA GLY D 221 24.67 39.18 -26.44
C GLY D 221 24.15 40.47 -27.09
N ALA D 222 23.53 40.31 -28.24
CA ALA D 222 23.10 41.43 -29.03
C ALA D 222 21.65 41.84 -28.68
N TYR D 223 21.52 42.57 -27.59
CA TYR D 223 20.30 43.25 -27.23
C TYR D 223 20.59 44.73 -27.17
N ASP D 224 19.55 45.53 -27.21
CA ASP D 224 19.70 46.93 -26.93
C ASP D 224 18.46 47.48 -26.25
N PHE D 225 18.52 48.78 -25.97
CA PHE D 225 17.46 49.48 -25.27
C PHE D 225 16.86 50.52 -26.22
N PRO D 226 16.06 50.08 -27.20
CA PRO D 226 15.51 51.03 -28.17
C PRO D 226 14.67 52.19 -27.59
N SER D 227 14.78 53.34 -28.26
CA SER D 227 13.87 54.46 -28.04
C SER D 227 12.59 54.12 -28.81
N PRO D 228 11.43 54.67 -28.38
CA PRO D 228 11.17 55.58 -27.25
C PRO D 228 11.05 54.93 -25.87
N GLU D 229 10.67 53.65 -25.84
CA GLU D 229 10.24 53.00 -24.58
C GLU D 229 11.30 52.88 -23.49
N TRP D 230 12.56 52.80 -23.88
CA TRP D 230 13.66 52.66 -22.91
C TRP D 230 14.17 54.02 -22.44
N ASP D 231 13.74 55.09 -23.13
CA ASP D 231 14.15 56.47 -22.80
C ASP D 231 13.72 56.90 -21.40
N THR D 232 12.59 56.36 -20.95
CA THR D 232 12.06 56.66 -19.63
C THR D 232 12.53 55.67 -18.54
N VAL D 233 13.16 54.56 -18.93
CA VAL D 233 13.66 53.57 -17.97
C VAL D 233 14.93 54.11 -17.33
N THR D 234 15.01 54.00 -16.00
CA THR D 234 16.13 54.57 -15.30
C THR D 234 17.42 53.89 -15.77
N PRO D 235 18.54 54.63 -15.69
CA PRO D 235 19.83 54.06 -16.00
C PRO D 235 20.24 52.94 -15.06
N GLU D 236 19.74 52.98 -13.82
CA GLU D 236 20.09 51.99 -12.81
C GLU D 236 19.50 50.63 -13.10
N ALA D 237 18.28 50.60 -13.67
CA ALA D 237 17.64 49.38 -14.18
C ALA D 237 18.41 48.79 -15.38
N LYS D 238 18.69 49.64 -16.37
CA LYS D 238 19.54 49.29 -17.50
C LYS D 238 20.93 48.79 -17.09
N ASN D 239 21.54 49.40 -16.07
CA ASN D 239 22.80 48.92 -15.43
C ASN D 239 22.72 47.48 -14.91
N LEU D 240 21.65 47.17 -14.20
CA LEU D 240 21.45 45.81 -13.68
C LEU D 240 21.22 44.75 -14.77
N ILE D 241 20.40 45.07 -15.78
CA ILE D 241 20.19 44.16 -16.92
C ILE D 241 21.51 43.85 -17.55
N ASN D 242 22.31 44.89 -17.76
CA ASN D 242 23.62 44.77 -18.34
C ASN D 242 24.55 43.82 -17.57
N GLN D 243 24.44 43.79 -16.26
CA GLN D 243 25.35 42.97 -15.43
C GLN D 243 24.92 41.50 -15.42
N MET D 244 23.61 41.31 -15.60
CA MET D 244 23.04 39.98 -15.67
C MET D 244 23.20 39.37 -17.05
N LEU D 245 22.94 40.17 -18.09
CA LEU D 245 23.11 39.75 -19.49
C LEU D 245 24.51 39.96 -20.02
N THR D 246 25.50 39.73 -19.16
CA THR D 246 26.90 39.67 -19.50
C THR D 246 27.20 38.27 -20.03
N ILE D 247 27.87 38.21 -21.17
CA ILE D 247 28.18 36.97 -21.87
C ILE D 247 29.20 36.09 -21.13
N ASN D 248 30.25 36.67 -20.59
CA ASN D 248 31.25 35.89 -19.80
C ASN D 248 30.70 35.62 -18.40
N PRO D 249 30.34 34.34 -18.11
CA PRO D 249 29.68 33.95 -16.89
C PRO D 249 30.49 34.13 -15.60
N ALA D 250 31.81 34.26 -15.74
CA ALA D 250 32.70 34.56 -14.61
C ALA D 250 32.61 36.02 -14.21
N LYS D 251 32.25 36.88 -15.17
CA LYS D 251 32.07 38.31 -14.89
C LYS D 251 30.61 38.65 -14.58
N ARG D 252 29.67 37.77 -14.89
CA ARG D 252 28.25 37.98 -14.59
C ARG D 252 28.01 38.14 -13.07
N ILE D 253 27.02 38.98 -12.77
CA ILE D 253 26.61 39.28 -11.42
C ILE D 253 25.95 38.05 -10.82
N THR D 254 26.13 37.84 -9.52
CA THR D 254 25.55 36.71 -8.82
C THR D 254 24.26 37.18 -8.19
N ALA D 255 23.45 36.26 -7.69
CA ALA D 255 22.21 36.61 -7.02
C ALA D 255 22.48 37.53 -5.84
N HIS D 256 23.56 37.23 -5.12
CA HIS D 256 23.91 37.91 -3.89
C HIS D 256 24.24 39.38 -4.11
N GLU D 257 25.07 39.62 -5.11
CA GLU D 257 25.41 40.96 -5.53
C GLU D 257 24.22 41.71 -6.15
N ALA D 258 23.40 41.05 -6.95
CA ALA D 258 22.22 41.70 -7.59
C ALA D 258 21.21 42.20 -6.55
N LEU D 259 21.13 41.50 -5.42
CA LEU D 259 20.22 41.88 -4.33
C LEU D 259 20.79 43.08 -3.55
N LYS D 260 22.08 43.34 -3.74
CA LYS D 260 22.76 44.52 -3.18
C LYS D 260 22.73 45.71 -4.15
N HIS D 261 22.18 45.52 -5.34
CA HIS D 261 22.07 46.58 -6.32
C HIS D 261 21.01 47.58 -5.87
N PRO D 262 21.31 48.89 -5.91
CA PRO D 262 20.38 49.91 -5.42
C PRO D 262 18.97 49.94 -6.04
N TRP D 263 18.84 49.53 -7.30
CA TRP D 263 17.53 49.48 -7.94
C TRP D 263 16.66 48.41 -7.28
N VAL D 264 17.30 47.37 -6.72
CA VAL D 264 16.62 46.28 -6.05
C VAL D 264 16.46 46.68 -4.57
N CYS D 265 17.55 46.95 -3.88
CA CYS D 265 17.45 47.16 -2.44
C CYS D 265 17.16 48.56 -1.99
N GLN D 266 17.22 49.56 -2.88
CA GLN D 266 16.82 50.93 -2.54
C GLN D 266 15.79 51.44 -3.56
N ARG D 267 14.89 50.53 -3.88
CA ARG D 267 13.81 50.70 -4.81
C ARG D 267 12.94 51.95 -4.62
N SER D 268 12.63 52.28 -3.38
CA SER D 268 11.71 53.39 -3.08
C SER D 268 12.27 54.74 -3.47
N THR D 269 13.61 54.84 -3.58
CA THR D 269 14.33 56.05 -3.97
C THR D 269 14.97 55.95 -5.38
N VAL D 270 15.30 54.75 -5.84
CA VAL D 270 16.06 54.56 -7.10
C VAL D 270 15.17 54.14 -8.29
N ALA D 271 14.10 53.37 -8.04
CA ALA D 271 13.26 52.80 -9.11
C ALA D 271 12.12 53.76 -9.39
N SER D 272 11.79 53.94 -10.65
CA SER D 272 10.78 54.91 -11.06
C SER D 272 9.39 54.43 -10.62
N MET D 273 8.59 55.33 -10.03
CA MET D 273 7.22 55.06 -9.59
C MET D 273 6.24 55.42 -10.70
N MET D 274 6.75 55.69 -11.88
CA MET D 274 5.93 56.01 -13.07
C MET D 274 5.22 54.85 -13.78
N HIS D 275 3.94 54.96 -13.98
CA HIS D 275 3.15 53.93 -14.64
C HIS D 275 3.62 53.73 -16.07
N ARG D 276 3.66 52.47 -16.51
CA ARG D 276 4.21 52.11 -17.80
C ARG D 276 3.14 51.38 -18.62
N GLN D 277 2.14 52.14 -19.03
CA GLN D 277 1.03 51.61 -19.84
C GLN D 277 1.43 50.80 -21.09
N GLU D 278 2.49 51.20 -21.78
CA GLU D 278 2.97 50.46 -22.95
C GLU D 278 3.52 49.08 -22.57
N THR D 279 4.20 48.96 -21.44
CA THR D 279 4.68 47.64 -20.97
C THR D 279 3.52 46.67 -20.80
N VAL D 280 2.49 47.13 -20.09
CA VAL D 280 1.27 46.35 -19.87
C VAL D 280 0.64 45.88 -21.19
N GLU D 281 0.60 46.76 -22.18
CA GLU D 281 0.02 46.46 -23.49
C GLU D 281 0.88 45.47 -24.31
N CYS D 282 2.21 45.54 -24.15
CA CYS D 282 3.11 44.59 -24.80
C CYS D 282 3.07 43.22 -24.17
N LEU D 283 3.08 43.20 -22.83
CA LEU D 283 2.91 41.97 -22.06
C LEU D 283 1.62 41.25 -22.49
N LYS D 284 0.52 41.97 -22.66
CA LYS D 284 -0.70 41.38 -23.19
C LYS D 284 -0.41 40.63 -24.49
N LYS D 285 0.33 41.26 -25.41
CA LYS D 285 0.66 40.67 -26.72
C LYS D 285 1.68 39.53 -26.56
N PHE D 286 2.57 39.66 -25.57
CA PHE D 286 3.56 38.61 -25.22
C PHE D 286 2.86 37.35 -24.69
N ASN D 287 2.00 37.55 -23.70
CA ASN D 287 1.22 36.50 -23.09
C ASN D 287 0.34 35.82 -24.16
N ALA D 288 -0.27 36.59 -25.06
CA ALA D 288 -1.04 35.99 -26.15
C ALA D 288 -0.16 35.11 -27.07
N ARG D 289 1.01 35.62 -27.48
CA ARG D 289 1.95 34.91 -28.37
C ARG D 289 2.42 33.57 -27.78
N ARG D 290 2.65 33.56 -26.45
CA ARG D 290 3.21 32.40 -25.74
C ARG D 290 2.13 31.33 -25.51
N LYS D 291 0.90 31.73 -25.22
CA LYS D 291 -0.21 30.78 -25.09
C LYS D 291 -0.71 30.27 -26.45
N LEU D 292 -0.06 30.66 -27.54
CA LEU D 292 -0.31 30.09 -28.87
C LEU D 292 0.91 29.25 -29.24
N LYS D 293 1.33 28.41 -28.31
CA LYS D 293 2.59 27.69 -28.43
C LYS D 293 2.70 26.75 -27.24
C4 5CP E . 8.24 9.04 35.69
C5 5CP E . 7.66 8.30 36.69
C6 5CP E . 7.76 6.92 36.70
N1 5CP E . 8.42 6.31 35.70
N3 5CP E . 8.91 8.35 34.75
C1U 5CP E . 10.19 11.20 30.86
C1W 5CP E . 11.13 12.25 31.47
C1T 5CP E . 9.62 12.45 31.53
C1R 5CP E . 8.92 12.16 32.84
C1S 5CP E . 9.12 11.08 33.60
N1Q 5CP E . 7.97 12.94 33.38
N1P 5CP E . 7.61 12.39 34.43
C1H 5CP E . 8.23 11.22 34.61
N1G 5CP E . 8.11 10.40 35.70
N1X 5CP E . 7.18 6.22 37.68
C1Y 5CP E . 6.69 6.84 38.95
C2 5CP E . 8.99 7.01 34.73
N1I 5CP E . 9.64 6.37 33.73
C1J 5CP E . 10.52 6.91 32.84
C1O 5CP E . 11.61 7.70 33.26
C1N 5CP E . 12.55 8.23 32.36
C1K 5CP E . 10.37 6.67 31.47
C1L 5CP E . 11.28 7.20 30.57
C1M 5CP E . 12.38 7.97 31.01
C1V 5CP E . 13.36 8.53 30.01
C1Z 5CP E . 12.75 9.61 29.21
N1A 5CP E . 12.33 10.46 28.58
C4 5CP F . -24.44 -10.39 -17.69
C5 5CP F . -25.32 -10.84 -18.67
C6 5CP F . -26.67 -10.48 -18.59
N1 5CP F . -27.08 -9.75 -17.54
N3 5CP F . -24.91 -9.64 -16.71
C1U 5CP F . -21.22 -8.73 -12.97
C1W 5CP F . -20.64 -7.76 -13.99
C1T 5CP F . -20.28 -9.23 -14.05
C1R 5CP F . -20.90 -9.91 -15.24
C1S 5CP F . -22.10 -9.66 -15.80
N1Q 5CP F . -20.26 -10.87 -15.87
N1P 5CP F . -21.03 -11.21 -16.78
C1H 5CP F . -22.18 -10.54 -16.79
N1G 5CP F . -23.14 -10.73 -17.75
N1X 5CP F . -27.54 -10.89 -19.51
C1Y 5CP F . -27.07 -11.47 -20.81
C2 5CP F . -26.20 -9.31 -16.60
N1I 5CP F . -26.62 -8.55 -15.56
C1J 5CP F . -25.84 -7.83 -14.73
C1O 5CP F . -24.96 -6.79 -15.13
C1N 5CP F . -24.23 -6.07 -14.16
C1K 5CP F . -25.98 -8.04 -13.37
C1L 5CP F . -25.27 -7.32 -12.43
C1M 5CP F . -24.35 -6.34 -12.77
C1V 5CP F . -23.63 -5.53 -11.61
C1Z 5CP F . -22.26 -5.83 -11.21
N1A 5CP F . -21.22 -5.98 -10.76
#